data_2VRJ
#
_entry.id   2VRJ
#
_cell.length_a   93.696
_cell.length_b   94.409
_cell.length_c   113.026
_cell.angle_alpha   90.00
_cell.angle_beta   90.00
_cell.angle_gamma   90.00
#
_symmetry.space_group_name_H-M   'P 21 21 21'
#
loop_
_entity.id
_entity.type
_entity.pdbx_description
1 polymer 'BETA-GLUCOSIDASE A'
2 non-polymer (1S,2R,3S,4R,5R)-2,3,4-trihydroxy-N-octyl-6-oxa-8-azabicyclo[3.2.1]octane-8-carbothioamide
3 non-polymer 'CALCIUM ION'
4 non-polymer 'ACETATE ION'
5 water water
#
_entity_poly.entity_id   1
_entity_poly.type   'polypeptide(L)'
_entity_poly.pdbx_seq_one_letter_code
;MGSSHHHHHHSSGLVPRGSHMASNVKKFPEGFLWGVATASYQIEGSPLADGAGMSIWHTFSHTPGNVKNGDTGDVACDHY
NRWKEDIEIIEKLGVKAYRFSISWPRILPEGTGRVNQKGLDFYNRIIDTLLEKGITPFVTIYHWDLPFALQLKGGWANRE
IADWFAEYSRVLFENFGDRVKNWITLNEPWVVAIVGHLYGVHAPGMRDIYVAFRAVHNLLRAHARAVKVFRETVKDGKIG
IVFNNGYFEPASEKEEDIRAVRFMHQFNNYPLFLNPIYRGDYPELVLEFAREYLPENYKDDMSEIQEKIDFVGLNYYSGH
LVKFDPDAPAKVSFVERDLPKTAMGWEIVPEGIYWILKKVKEEYNPPEVYITENGAAFDDVVSEDGRVHDQNRIDYLKAH
IGQAWKAIQEGVPLKGYFVWSLLDNFEWAEGYSKRFGIVYVDYSTQKRIVKDSGYWYSNVVKNNGLED
;
_entity_poly.pdbx_strand_id   A,B
#
loop_
_chem_comp.id
_chem_comp.type
_chem_comp.name
_chem_comp.formula
ACT non-polymer 'ACETATE ION' 'C2 H3 O2 -1'
CA non-polymer 'CALCIUM ION' 'Ca 2'
NCW non-polymer (1S,2R,3S,4R,5R)-2,3,4-trihydroxy-N-octyl-6-oxa-8-azabicyclo[3.2.1]octane-8-carbothioamide 'C15 H28 N2 O4 S'
#
# COMPACT_ATOMS: atom_id res chain seq x y z
N VAL A 25 -11.14 36.17 -16.85
CA VAL A 25 -11.31 36.40 -15.39
C VAL A 25 -12.60 35.74 -14.90
N LYS A 26 -12.56 35.20 -13.68
CA LYS A 26 -13.75 34.60 -13.07
C LYS A 26 -13.94 35.28 -11.74
N LYS A 27 -14.80 36.29 -11.72
CA LYS A 27 -15.01 37.07 -10.50
C LYS A 27 -16.23 36.54 -9.76
N PHE A 28 -16.11 36.42 -8.44
CA PHE A 28 -17.23 35.91 -7.62
C PHE A 28 -18.13 37.06 -7.16
N PRO A 29 -19.32 36.76 -6.57
CA PRO A 29 -20.22 37.83 -6.12
C PRO A 29 -19.59 38.73 -5.06
N GLU A 30 -20.02 40.00 -5.00
CA GLU A 30 -19.59 40.86 -3.90
C GLU A 30 -19.89 40.19 -2.54
N GLY A 31 -18.94 40.23 -1.61
CA GLY A 31 -19.11 39.64 -0.27
C GLY A 31 -19.04 38.11 -0.18
N PHE A 32 -18.78 37.44 -1.31
CA PHE A 32 -18.48 36.00 -1.31
C PHE A 32 -17.44 35.69 -0.24
N LEU A 33 -17.69 34.64 0.55
CA LEU A 33 -16.83 34.34 1.67
C LEU A 33 -15.75 33.32 1.31
N TRP A 34 -14.49 33.75 1.31
CA TRP A 34 -13.38 32.85 1.04
C TRP A 34 -12.84 32.43 2.40
N GLY A 35 -12.77 31.14 2.66
CA GLY A 35 -12.26 30.75 3.96
C GLY A 35 -11.28 29.61 3.90
N VAL A 36 -10.83 29.19 5.09
N VAL A 36 -10.87 29.18 5.11
CA VAL A 36 -10.09 27.95 5.26
CA VAL A 36 -10.02 28.02 5.33
C VAL A 36 -10.76 27.22 6.40
C VAL A 36 -10.61 27.26 6.53
N ALA A 37 -10.46 25.94 6.52
CA ALA A 37 -11.11 25.09 7.54
C ALA A 37 -10.14 24.16 8.25
N THR A 38 -10.44 23.89 9.53
CA THR A 38 -9.71 22.97 10.37
C THR A 38 -10.75 22.23 11.27
N ALA A 39 -10.25 21.27 12.06
CA ALA A 39 -11.06 20.56 13.10
C ALA A 39 -10.18 20.41 14.31
N SER A 40 -10.79 20.52 15.47
CA SER A 40 -10.14 20.57 16.77
C SER A 40 -9.13 19.46 17.01
N TYR A 41 -9.57 18.20 16.88
CA TYR A 41 -8.66 17.09 17.22
C TYR A 41 -7.50 17.02 16.21
N GLN A 42 -7.73 17.54 15.00
CA GLN A 42 -6.72 17.39 13.97
C GLN A 42 -5.54 18.36 14.17
N ILE A 43 -5.78 19.49 14.82
CA ILE A 43 -4.74 20.52 14.94
C ILE A 43 -4.33 20.90 16.35
N GLU A 44 -5.23 20.74 17.32
CA GLU A 44 -5.00 21.35 18.63
C GLU A 44 -3.87 20.74 19.48
N GLY A 45 -3.84 19.41 19.58
CA GLY A 45 -3.00 18.78 20.58
C GLY A 45 -3.52 19.14 21.98
N SER A 46 -2.74 18.77 23.00
CA SER A 46 -3.11 19.01 24.38
C SER A 46 -4.56 18.56 24.69
N PRO A 47 -4.92 17.33 24.28
CA PRO A 47 -6.33 16.86 24.42
C PRO A 47 -6.84 16.90 25.86
N LEU A 48 -5.93 16.74 26.83
CA LEU A 48 -6.37 16.69 28.24
C LEU A 48 -5.95 17.91 29.05
N ALA A 49 -5.49 18.95 28.36
CA ALA A 49 -5.14 20.21 29.04
C ALA A 49 -6.33 20.94 29.66
N ASP A 50 -6.04 21.63 30.76
CA ASP A 50 -6.98 22.54 31.40
C ASP A 50 -8.34 21.92 31.67
N GLY A 51 -8.34 20.71 32.23
CA GLY A 51 -9.59 20.06 32.66
C GLY A 51 -10.42 19.37 31.58
N ALA A 52 -9.92 19.32 30.34
CA ALA A 52 -10.68 18.64 29.25
C ALA A 52 -10.91 17.16 29.58
N GLY A 53 -12.09 16.63 29.22
CA GLY A 53 -12.34 15.18 29.32
C GLY A 53 -11.74 14.48 28.11
N MET A 54 -11.48 13.16 28.18
CA MET A 54 -11.05 12.42 27.00
C MET A 54 -12.13 12.42 25.93
N SER A 55 -11.73 12.43 24.67
CA SER A 55 -12.66 12.18 23.58
C SER A 55 -12.49 10.74 23.08
N ILE A 56 -13.43 10.29 22.23
CA ILE A 56 -13.31 8.99 21.60
C ILE A 56 -12.15 8.95 20.62
N TRP A 57 -11.68 10.11 20.13
CA TRP A 57 -10.46 10.04 19.29
C TRP A 57 -9.19 9.88 20.09
N HIS A 58 -9.19 10.41 21.30
CA HIS A 58 -8.10 10.13 22.23
C HIS A 58 -7.96 8.64 22.50
N THR A 59 -9.06 8.02 22.91
CA THR A 59 -9.06 6.59 23.27
C THR A 59 -8.86 5.67 22.05
N PHE A 60 -9.49 6.02 20.93
CA PHE A 60 -9.32 5.27 19.68
C PHE A 60 -7.85 5.30 19.18
N SER A 61 -7.27 6.48 19.13
CA SER A 61 -5.87 6.65 18.70
C SER A 61 -4.84 6.06 19.67
N HIS A 62 -5.21 5.95 20.95
CA HIS A 62 -4.31 5.33 21.93
C HIS A 62 -4.49 3.81 22.02
N THR A 63 -5.35 3.30 21.16
CA THR A 63 -5.53 1.85 21.03
C THR A 63 -4.64 1.36 19.87
N PRO A 64 -3.69 0.44 20.17
CA PRO A 64 -2.75 -0.05 19.12
C PRO A 64 -3.48 -0.62 17.94
N GLY A 65 -2.97 -0.33 16.74
CA GLY A 65 -3.54 -0.87 15.52
C GLY A 65 -4.57 0.00 14.80
N ASN A 66 -5.07 1.04 15.46
CA ASN A 66 -6.13 1.87 14.89
C ASN A 66 -5.69 3.01 13.96
N VAL A 67 -4.48 3.53 14.21
CA VAL A 67 -3.96 4.67 13.43
C VAL A 67 -2.56 4.32 12.94
N LYS A 68 -2.36 4.61 11.66
CA LYS A 68 -1.06 4.44 11.00
CA LYS A 68 -1.06 4.44 11.02
C LYS A 68 0.08 4.99 11.88
N ASN A 69 1.14 4.18 12.04
CA ASN A 69 2.35 4.56 12.79
C ASN A 69 2.13 4.85 14.27
N GLY A 70 0.96 4.45 14.77
CA GLY A 70 0.63 4.72 16.16
C GLY A 70 0.49 6.22 16.43
N ASP A 71 0.18 6.97 15.39
CA ASP A 71 0.07 8.44 15.57
C ASP A 71 -1.16 8.77 16.42
N THR A 72 -1.10 9.84 17.19
CA THR A 72 -2.26 10.31 17.98
C THR A 72 -2.41 11.80 17.81
N GLY A 73 -3.49 12.35 18.36
CA GLY A 73 -3.62 13.81 18.38
C GLY A 73 -3.06 14.47 19.63
N ASP A 74 -2.15 13.81 20.34
CA ASP A 74 -1.55 14.39 21.56
C ASP A 74 -0.91 15.77 21.35
N VAL A 75 -0.18 15.90 20.23
CA VAL A 75 0.50 17.17 19.93
C VAL A 75 -0.06 17.85 18.67
N ALA A 76 -0.24 17.08 17.59
CA ALA A 76 -0.78 17.58 16.31
C ALA A 76 0.03 18.80 15.87
N CYS A 77 -0.66 19.91 15.56
CA CYS A 77 0.02 21.20 15.24
C CYS A 77 0.23 22.12 16.45
N ASP A 78 0.03 21.57 17.65
CA ASP A 78 0.11 22.36 18.87
C ASP A 78 -0.69 23.68 18.77
N HIS A 79 -1.79 23.67 18.02
CA HIS A 79 -2.61 24.85 17.89
C HIS A 79 -3.17 25.32 19.23
N TYR A 80 -3.27 24.39 20.18
CA TYR A 80 -3.74 24.74 21.51
C TYR A 80 -2.83 25.85 22.08
N ASN A 81 -1.55 25.81 21.72
CA ASN A 81 -0.63 26.90 22.13
C ASN A 81 -0.35 27.97 21.06
N ARG A 82 -0.46 27.58 19.79
CA ARG A 82 0.03 28.41 18.67
C ARG A 82 -1.10 29.11 17.92
N TRP A 83 -2.28 29.14 18.53
CA TRP A 83 -3.50 29.63 17.90
C TRP A 83 -3.35 31.08 17.40
N LYS A 84 -2.69 31.93 18.19
CA LYS A 84 -2.52 33.34 17.81
C LYS A 84 -1.71 33.42 16.51
N GLU A 85 -0.58 32.72 16.47
CA GLU A 85 0.25 32.66 15.25
C GLU A 85 -0.58 32.21 14.05
N ASP A 86 -1.28 31.08 14.19
CA ASP A 86 -2.11 30.54 13.09
C ASP A 86 -3.15 31.53 12.56
N ILE A 87 -3.81 32.24 13.46
CA ILE A 87 -4.80 33.25 13.04
C ILE A 87 -4.09 34.42 12.31
N GLU A 88 -2.92 34.80 12.83
CA GLU A 88 -2.11 35.86 12.19
C GLU A 88 -1.74 35.45 10.77
N ILE A 89 -1.52 34.15 10.55
CA ILE A 89 -1.39 33.62 9.18
C ILE A 89 -2.62 33.81 8.31
N ILE A 90 -3.79 33.41 8.81
CA ILE A 90 -5.07 33.67 8.14
C ILE A 90 -5.18 35.16 7.84
N GLU A 91 -4.98 36.03 8.83
CA GLU A 91 -5.03 37.50 8.66
C GLU A 91 -4.07 37.96 7.56
N LYS A 92 -2.81 37.55 7.68
CA LYS A 92 -1.76 37.95 6.72
C LYS A 92 -2.12 37.49 5.29
N LEU A 93 -2.79 36.34 5.15
CA LEU A 93 -3.21 35.88 3.80
C LEU A 93 -4.46 36.59 3.31
N GLY A 94 -5.08 37.36 4.20
CA GLY A 94 -6.30 38.08 3.82
C GLY A 94 -7.51 37.18 3.67
N VAL A 95 -7.42 35.97 4.22
CA VAL A 95 -8.54 35.02 4.14
C VAL A 95 -9.69 35.56 4.99
N LYS A 96 -10.91 35.46 4.50
CA LYS A 96 -12.04 36.21 5.08
C LYS A 96 -12.88 35.51 6.16
N ALA A 97 -12.79 34.19 6.19
CA ALA A 97 -13.58 33.36 7.12
C ALA A 97 -12.69 32.24 7.60
N TYR A 98 -12.92 31.79 8.84
CA TYR A 98 -12.19 30.63 9.36
C TYR A 98 -13.23 29.66 9.91
N ARG A 99 -13.28 28.48 9.30
CA ARG A 99 -14.14 27.41 9.82
C ARG A 99 -13.31 26.56 10.80
N PHE A 100 -13.74 26.50 12.04
CA PHE A 100 -13.03 25.68 13.02
C PHE A 100 -14.06 24.95 13.86
N SER A 101 -13.64 23.86 14.50
CA SER A 101 -14.60 23.13 15.32
C SER A 101 -14.22 23.24 16.77
N ILE A 102 -15.23 23.02 17.61
CA ILE A 102 -15.06 23.06 19.04
C ILE A 102 -15.03 21.62 19.60
N SER A 103 -14.06 21.36 20.48
CA SER A 103 -13.97 20.08 21.20
C SER A 103 -15.03 20.00 22.31
N TRP A 104 -16.06 19.19 22.07
CA TRP A 104 -17.10 19.01 23.07
C TRP A 104 -16.53 18.71 24.46
N PRO A 105 -15.59 17.73 24.57
CA PRO A 105 -15.10 17.44 25.95
C PRO A 105 -14.19 18.50 26.57
N ARG A 106 -13.73 19.51 25.81
CA ARG A 106 -13.11 20.66 26.50
C ARG A 106 -14.17 21.53 27.19
N ILE A 107 -15.39 21.54 26.63
CA ILE A 107 -16.47 22.37 27.12
C ILE A 107 -17.22 21.65 28.23
N LEU A 108 -17.58 20.39 27.98
CA LEU A 108 -18.31 19.59 28.97
C LEU A 108 -17.53 18.29 29.10
N PRO A 109 -16.63 18.19 30.10
CA PRO A 109 -15.67 17.10 30.16
C PRO A 109 -16.34 15.73 30.34
N GLU A 110 -17.53 15.72 30.92
CA GLU A 110 -18.37 14.51 31.06
C GLU A 110 -19.47 14.42 30.02
N GLY A 111 -19.46 15.33 29.05
CA GLY A 111 -20.44 15.30 27.98
C GLY A 111 -21.65 16.17 28.29
N THR A 112 -22.20 16.00 29.50
CA THR A 112 -23.32 16.80 29.97
C THR A 112 -22.97 17.24 31.38
N GLY A 113 -23.71 18.22 31.88
CA GLY A 113 -23.54 18.67 33.30
C GLY A 113 -22.47 19.76 33.35
N ARG A 114 -21.36 19.47 34.01
CA ARG A 114 -20.33 20.47 34.28
C ARG A 114 -19.80 21.13 33.01
N VAL A 115 -19.72 22.45 33.07
CA VAL A 115 -19.10 23.27 32.03
C VAL A 115 -17.74 23.77 32.50
N ASN A 116 -16.74 23.58 31.65
CA ASN A 116 -15.35 23.92 31.90
C ASN A 116 -14.99 25.31 31.34
N GLN A 117 -14.84 26.29 32.23
CA GLN A 117 -14.59 27.67 31.80
C GLN A 117 -13.27 27.83 31.03
N LYS A 118 -12.25 27.04 31.38
CA LYS A 118 -10.98 27.11 30.65
C LYS A 118 -11.13 26.67 29.19
N GLY A 119 -12.09 25.76 28.95
CA GLY A 119 -12.40 25.28 27.61
C GLY A 119 -13.11 26.37 26.86
N LEU A 120 -14.08 27.03 27.50
CA LEU A 120 -14.74 28.19 26.89
C LEU A 120 -13.75 29.33 26.63
N ASP A 121 -12.85 29.55 27.60
CA ASP A 121 -11.79 30.60 27.51
C ASP A 121 -10.94 30.39 26.24
N PHE A 122 -10.53 29.15 25.99
CA PHE A 122 -9.71 28.84 24.80
C PHE A 122 -10.38 29.31 23.47
N TYR A 123 -11.63 28.88 23.25
CA TYR A 123 -12.38 29.35 22.08
C TYR A 123 -12.80 30.82 22.12
N ASN A 124 -13.06 31.37 23.30
CA ASN A 124 -13.38 32.80 23.38
C ASN A 124 -12.24 33.68 22.84
N ARG A 125 -11.02 33.33 23.18
CA ARG A 125 -9.84 34.07 22.70
C ARG A 125 -9.69 33.98 21.19
N ILE A 126 -9.96 32.80 20.64
CA ILE A 126 -9.91 32.61 19.20
C ILE A 126 -10.98 33.45 18.49
N ILE A 127 -12.21 33.37 19.00
CA ILE A 127 -13.32 34.12 18.41
C ILE A 127 -13.04 35.64 18.49
N ASP A 128 -12.58 36.12 19.64
CA ASP A 128 -12.40 37.59 19.80
C ASP A 128 -11.29 38.07 18.88
N THR A 129 -10.23 37.27 18.78
CA THR A 129 -9.10 37.55 17.90
C THR A 129 -9.52 37.62 16.43
N LEU A 130 -10.29 36.62 15.98
CA LEU A 130 -10.83 36.61 14.62
C LEU A 130 -11.63 37.88 14.33
N LEU A 131 -12.57 38.20 15.22
CA LEU A 131 -13.42 39.41 15.08
C LEU A 131 -12.59 40.70 15.05
N GLU A 132 -11.66 40.85 16.01
CA GLU A 132 -10.70 41.97 16.02
C GLU A 132 -10.00 42.13 14.67
N LYS A 133 -9.78 41.02 13.97
CA LYS A 133 -9.00 41.00 12.72
C LYS A 133 -9.88 40.96 11.47
N GLY A 134 -11.18 41.18 11.65
CA GLY A 134 -12.12 41.16 10.54
C GLY A 134 -12.27 39.83 9.80
N ILE A 135 -12.08 38.69 10.49
CA ILE A 135 -12.26 37.33 9.91
C ILE A 135 -13.57 36.72 10.47
N THR A 136 -14.38 36.11 9.60
CA THR A 136 -15.71 35.65 10.04
C THR A 136 -15.60 34.22 10.59
N PRO A 137 -15.99 34.01 11.86
CA PRO A 137 -15.87 32.63 12.33
C PRO A 137 -17.06 31.80 11.89
N PHE A 138 -16.80 30.60 11.37
CA PHE A 138 -17.81 29.59 11.13
C PHE A 138 -17.49 28.45 12.08
N VAL A 139 -18.37 28.23 13.05
CA VAL A 139 -18.12 27.17 14.06
C VAL A 139 -18.82 25.83 13.76
N THR A 140 -18.01 24.77 13.66
CA THR A 140 -18.52 23.38 13.60
C THR A 140 -18.65 22.86 15.00
N ILE A 141 -19.88 22.54 15.42
CA ILE A 141 -20.14 22.19 16.82
C ILE A 141 -19.54 20.78 17.05
N TYR A 142 -19.71 19.92 16.04
CA TYR A 142 -19.25 18.53 16.12
C TYR A 142 -18.48 18.09 14.92
N HIS A 143 -17.17 17.97 15.09
CA HIS A 143 -16.29 17.34 14.09
C HIS A 143 -15.57 16.14 14.71
N TRP A 144 -16.39 15.24 15.32
CA TRP A 144 -16.04 13.83 15.53
C TRP A 144 -15.43 13.46 16.87
N ASP A 145 -15.03 14.46 17.67
CA ASP A 145 -14.38 14.22 18.98
C ASP A 145 -15.41 14.15 20.12
N LEU A 146 -16.29 13.15 20.03
CA LEU A 146 -17.32 12.91 21.06
C LEU A 146 -16.67 12.75 22.45
N PRO A 147 -17.24 13.34 23.53
CA PRO A 147 -16.70 12.99 24.86
C PRO A 147 -16.74 11.47 25.11
N PHE A 148 -15.64 10.92 25.58
CA PHE A 148 -15.57 9.49 25.90
C PHE A 148 -16.63 9.11 26.93
N ALA A 149 -16.90 10.00 27.88
CA ALA A 149 -17.97 9.74 28.87
C ALA A 149 -19.32 9.38 28.22
N LEU A 150 -19.62 9.99 27.08
CA LEU A 150 -20.87 9.73 26.42
C LEU A 150 -20.81 8.47 25.60
N GLN A 151 -19.62 8.13 25.08
CA GLN A 151 -19.46 6.85 24.40
C GLN A 151 -19.73 5.66 25.33
N LEU A 152 -19.34 5.79 26.60
CA LEU A 152 -19.64 4.75 27.61
C LEU A 152 -21.13 4.50 27.76
N LYS A 153 -21.92 5.56 27.45
CA LYS A 153 -23.39 5.48 27.50
CA LYS A 153 -23.39 5.50 27.49
C LYS A 153 -24.02 5.19 26.13
N GLY A 154 -23.20 4.69 25.20
CA GLY A 154 -23.63 4.29 23.84
C GLY A 154 -23.36 5.33 22.73
N GLY A 155 -22.94 6.53 23.12
CA GLY A 155 -22.64 7.58 22.11
C GLY A 155 -23.79 7.80 21.12
N TRP A 156 -23.45 7.84 19.82
CA TRP A 156 -24.46 8.11 18.75
C TRP A 156 -25.51 7.01 18.63
N ALA A 157 -25.26 5.85 19.23
CA ALA A 157 -26.24 4.74 19.23
C ALA A 157 -27.41 4.99 20.18
N ASN A 158 -27.22 5.86 21.17
CA ASN A 158 -28.23 6.11 22.21
C ASN A 158 -29.15 7.29 21.82
N ARG A 159 -30.47 7.07 21.76
CA ARG A 159 -31.42 8.18 21.47
C ARG A 159 -31.23 9.41 22.33
N GLU A 160 -30.77 9.20 23.57
CA GLU A 160 -30.58 10.29 24.51
CA GLU A 160 -30.55 10.27 24.52
C GLU A 160 -29.53 11.31 24.05
N ILE A 161 -28.71 10.96 23.06
CA ILE A 161 -27.74 11.93 22.55
C ILE A 161 -28.39 13.16 21.91
N ALA A 162 -29.64 13.04 21.47
CA ALA A 162 -30.37 14.23 20.96
C ALA A 162 -30.44 15.27 22.08
N ASP A 163 -30.69 14.79 23.32
CA ASP A 163 -30.70 15.68 24.48
CA ASP A 163 -30.70 15.64 24.52
C ASP A 163 -29.29 16.16 24.85
N TRP A 164 -28.33 15.24 24.90
CA TRP A 164 -26.95 15.62 25.31
C TRP A 164 -26.43 16.66 24.32
N PHE A 165 -26.69 16.41 23.05
CA PHE A 165 -26.18 17.31 21.98
C PHE A 165 -26.85 18.67 22.03
N ALA A 166 -28.16 18.68 22.31
CA ALA A 166 -28.88 19.95 22.50
C ALA A 166 -28.34 20.76 23.67
N GLU A 167 -28.06 20.08 24.78
CA GLU A 167 -27.54 20.78 25.96
C GLU A 167 -26.12 21.36 25.66
N TYR A 168 -25.30 20.58 24.97
CA TYR A 168 -23.95 21.03 24.53
C TYR A 168 -24.07 22.27 23.66
N SER A 169 -24.89 22.15 22.64
CA SER A 169 -25.12 23.22 21.67
C SER A 169 -25.64 24.48 22.42
N ARG A 170 -26.60 24.32 23.33
CA ARG A 170 -27.13 25.45 24.11
CA ARG A 170 -27.14 25.43 24.15
CA ARG A 170 -27.13 25.44 24.12
C ARG A 170 -26.02 26.22 24.84
N VAL A 171 -25.12 25.49 25.49
CA VAL A 171 -23.95 26.10 26.11
C VAL A 171 -23.14 26.96 25.11
N LEU A 172 -22.82 26.40 23.94
CA LEU A 172 -22.07 27.15 22.93
C LEU A 172 -22.82 28.43 22.50
N PHE A 173 -24.12 28.27 22.25
CA PHE A 173 -24.93 29.39 21.82
C PHE A 173 -24.99 30.48 22.88
N GLU A 174 -25.14 30.11 24.14
CA GLU A 174 -25.26 31.07 25.25
CA GLU A 174 -25.26 31.10 25.21
C GLU A 174 -23.94 31.82 25.45
N ASN A 175 -22.84 31.09 25.34
CA ASN A 175 -21.52 31.68 25.55
C ASN A 175 -20.94 32.46 24.38
N PHE A 176 -21.21 32.01 23.15
CA PHE A 176 -20.57 32.55 21.93
C PHE A 176 -21.52 33.17 20.93
N GLY A 177 -22.83 33.00 21.12
CA GLY A 177 -23.81 33.42 20.11
C GLY A 177 -23.90 34.95 19.96
N ASP A 178 -23.37 35.69 20.92
CA ASP A 178 -23.32 37.15 20.87
C ASP A 178 -22.33 37.58 19.80
N ARG A 179 -21.34 36.74 19.55
CA ARG A 179 -20.28 37.01 18.57
C ARG A 179 -20.25 36.12 17.33
N VAL A 180 -20.44 34.81 17.50
CA VAL A 180 -20.46 33.90 16.36
C VAL A 180 -21.88 33.82 15.81
N LYS A 181 -22.00 33.97 14.49
CA LYS A 181 -23.31 34.15 13.85
C LYS A 181 -23.54 33.09 12.79
N ASN A 182 -22.53 32.28 12.56
CA ASN A 182 -22.55 31.23 11.54
C ASN A 182 -22.17 29.88 12.17
N TRP A 183 -23.14 28.98 12.22
CA TRP A 183 -22.97 27.73 12.98
C TRP A 183 -23.20 26.50 12.11
N ILE A 184 -22.49 25.40 12.40
CA ILE A 184 -22.71 24.10 11.75
C ILE A 184 -22.92 23.06 12.87
N THR A 185 -24.00 22.29 12.80
CA THR A 185 -24.28 21.29 13.85
C THR A 185 -23.26 20.16 13.73
N LEU A 186 -23.30 19.50 12.59
CA LEU A 186 -22.53 18.28 12.37
C LEU A 186 -21.64 18.37 11.13
N ASN A 187 -20.40 17.90 11.28
CA ASN A 187 -19.56 17.61 10.12
C ASN A 187 -19.62 16.17 9.66
N GLU A 188 -20.05 15.95 8.41
N GLU A 188 -20.15 15.98 8.45
CA GLU A 188 -20.02 14.63 7.76
CA GLU A 188 -20.11 14.70 7.74
C GLU A 188 -20.65 13.53 8.64
C GLU A 188 -20.68 13.54 8.54
N PRO A 189 -21.96 13.64 8.94
CA PRO A 189 -22.56 12.61 9.78
C PRO A 189 -22.56 11.21 9.10
N TRP A 190 -22.57 11.14 7.75
CA TRP A 190 -22.33 9.84 7.12
C TRP A 190 -21.03 9.17 7.59
N VAL A 191 -19.92 9.92 7.61
CA VAL A 191 -18.63 9.38 8.07
C VAL A 191 -18.71 8.96 9.52
N VAL A 192 -19.27 9.83 10.35
CA VAL A 192 -19.44 9.54 11.79
C VAL A 192 -20.17 8.22 11.97
N ALA A 193 -21.31 8.08 11.31
CA ALA A 193 -22.09 6.86 11.42
C ALA A 193 -21.42 5.65 10.78
N ILE A 194 -21.08 5.78 9.50
CA ILE A 194 -20.73 4.59 8.75
C ILE A 194 -19.25 4.22 8.94
N VAL A 195 -18.35 5.19 8.86
CA VAL A 195 -16.92 4.86 9.00
C VAL A 195 -16.63 4.59 10.50
N GLY A 196 -17.37 5.23 11.40
CA GLY A 196 -17.13 5.02 12.84
C GLY A 196 -17.82 3.77 13.40
N HIS A 197 -18.96 3.37 12.83
CA HIS A 197 -19.81 2.33 13.46
C HIS A 197 -20.14 1.09 12.58
N LEU A 198 -19.80 1.16 11.30
CA LEU A 198 -19.94 0.03 10.37
C LEU A 198 -18.58 -0.49 9.88
N TYR A 199 -17.73 0.44 9.42
CA TYR A 199 -16.41 0.07 8.91
C TYR A 199 -15.45 -0.08 10.08
N GLY A 200 -15.73 0.61 11.17
CA GLY A 200 -14.85 0.54 12.35
C GLY A 200 -13.48 1.17 12.14
N VAL A 201 -13.33 1.96 11.08
CA VAL A 201 -12.03 2.58 10.73
C VAL A 201 -11.79 3.90 11.52
N HIS A 202 -12.89 4.50 12.00
CA HIS A 202 -12.81 5.71 12.81
C HIS A 202 -13.40 5.42 14.16
N ALA A 203 -13.12 6.28 15.13
CA ALA A 203 -13.73 6.18 16.46
C ALA A 203 -15.27 6.19 16.30
N PRO A 204 -15.99 5.38 17.10
CA PRO A 204 -15.50 4.59 18.22
C PRO A 204 -15.04 3.20 17.80
N GLY A 205 -14.91 2.98 16.49
CA GLY A 205 -14.29 1.78 15.97
C GLY A 205 -15.15 0.54 16.00
N MET A 206 -16.44 0.70 15.69
CA MET A 206 -17.38 -0.44 15.73
CA MET A 206 -17.39 -0.41 15.74
C MET A 206 -17.73 -0.96 14.34
N ARG A 207 -18.18 -2.21 14.30
N ARG A 207 -18.23 -2.19 14.27
CA ARG A 207 -18.66 -2.91 13.09
CA ARG A 207 -18.66 -2.81 13.00
C ARG A 207 -20.00 -3.55 13.38
C ARG A 207 -19.98 -3.53 13.18
N ASP A 208 -21.05 -2.74 13.32
CA ASP A 208 -22.39 -3.28 13.49
C ASP A 208 -23.30 -2.39 12.65
N ILE A 209 -23.89 -2.95 11.59
CA ILE A 209 -24.80 -2.20 10.70
C ILE A 209 -26.07 -1.61 11.35
N TYR A 210 -26.61 -2.30 12.36
CA TYR A 210 -27.80 -1.82 13.07
C TYR A 210 -27.42 -0.61 13.94
N VAL A 211 -26.23 -0.68 14.52
CA VAL A 211 -25.77 0.46 15.31
C VAL A 211 -25.51 1.65 14.37
N ALA A 212 -24.89 1.38 13.23
CA ALA A 212 -24.55 2.42 12.26
C ALA A 212 -25.80 3.20 11.81
N PHE A 213 -26.89 2.49 11.54
CA PHE A 213 -28.12 3.17 11.09
C PHE A 213 -28.88 3.85 12.22
N ARG A 214 -28.76 3.31 13.43
CA ARG A 214 -29.29 4.07 14.56
CA ARG A 214 -29.24 4.01 14.63
C ARG A 214 -28.49 5.36 14.78
N ALA A 215 -27.19 5.34 14.47
CA ALA A 215 -26.36 6.56 14.59
C ALA A 215 -26.78 7.59 13.54
N VAL A 216 -26.96 7.14 12.30
CA VAL A 216 -27.51 8.05 11.26
C VAL A 216 -28.75 8.76 11.80
N HIS A 217 -29.69 7.98 12.31
CA HIS A 217 -30.99 8.52 12.75
C HIS A 217 -30.80 9.45 13.93
N ASN A 218 -29.99 9.04 14.91
CA ASN A 218 -29.78 9.91 16.07
C ASN A 218 -28.97 11.19 15.74
N LEU A 219 -28.04 11.10 14.79
CA LEU A 219 -27.35 12.31 14.27
C LEU A 219 -28.39 13.34 13.75
N LEU A 220 -29.35 12.86 12.95
CA LEU A 220 -30.44 13.73 12.47
C LEU A 220 -31.28 14.31 13.61
N ARG A 221 -31.64 13.48 14.57
CA ARG A 221 -32.43 13.96 15.70
C ARG A 221 -31.67 14.97 16.54
N ALA A 222 -30.38 14.71 16.75
CA ALA A 222 -29.56 15.63 17.52
C ALA A 222 -29.35 16.95 16.74
N HIS A 223 -29.04 16.84 15.44
CA HIS A 223 -28.95 18.03 14.58
C HIS A 223 -30.23 18.90 14.71
N ALA A 224 -31.41 18.27 14.60
CA ALA A 224 -32.66 19.07 14.64
C ALA A 224 -32.93 19.72 15.99
N ARG A 225 -32.62 19.02 17.08
CA ARG A 225 -32.80 19.55 18.44
CA ARG A 225 -32.83 19.56 18.43
C ARG A 225 -31.92 20.77 18.68
N ALA A 226 -30.67 20.70 18.19
CA ALA A 226 -29.73 21.81 18.28
C ALA A 226 -30.24 23.03 17.49
N VAL A 227 -30.73 22.82 16.28
CA VAL A 227 -31.31 23.97 15.50
C VAL A 227 -32.51 24.56 16.26
N LYS A 228 -33.38 23.70 16.79
CA LYS A 228 -34.50 24.14 17.64
C LYS A 228 -34.06 25.02 18.81
N VAL A 229 -33.02 24.59 19.52
CA VAL A 229 -32.45 25.36 20.61
C VAL A 229 -31.86 26.68 20.11
N PHE A 230 -31.18 26.60 18.96
CA PHE A 230 -30.59 27.79 18.30
C PHE A 230 -31.64 28.90 18.08
N ARG A 231 -32.80 28.54 17.54
CA ARG A 231 -33.89 29.55 17.35
C ARG A 231 -34.35 30.23 18.62
N GLU A 232 -34.19 29.54 19.75
CA GLU A 232 -34.59 30.01 21.09
C GLU A 232 -33.50 30.88 21.73
N THR A 233 -32.26 30.75 21.25
CA THR A 233 -31.12 31.34 21.96
CA THR A 233 -31.09 31.31 21.95
C THR A 233 -30.39 32.43 21.21
N VAL A 234 -30.22 32.27 19.90
CA VAL A 234 -29.44 33.21 19.07
C VAL A 234 -30.36 33.71 17.97
N LYS A 235 -31.36 34.49 18.36
CA LYS A 235 -32.31 35.09 17.41
C LYS A 235 -31.74 35.77 16.15
N ASP A 236 -30.42 36.06 16.13
CA ASP A 236 -29.82 36.74 14.97
CA ASP A 236 -29.69 36.78 15.06
C ASP A 236 -28.86 35.97 14.05
N GLY A 237 -28.43 34.77 14.39
CA GLY A 237 -27.50 34.04 13.48
C GLY A 237 -28.09 33.04 12.49
N LYS A 238 -27.23 32.31 11.80
CA LYS A 238 -27.66 31.23 10.92
C LYS A 238 -26.95 29.90 11.25
N ILE A 239 -27.69 28.81 11.04
CA ILE A 239 -27.19 27.47 11.31
C ILE A 239 -27.45 26.56 10.12
N GLY A 240 -26.51 25.64 9.89
CA GLY A 240 -26.62 24.61 8.87
C GLY A 240 -25.90 23.34 9.28
N ILE A 241 -25.48 22.58 8.29
CA ILE A 241 -25.01 21.21 8.48
C ILE A 241 -24.21 20.84 7.26
N VAL A 242 -23.15 20.05 7.48
CA VAL A 242 -22.15 19.73 6.45
C VAL A 242 -22.12 18.26 6.09
N PHE A 243 -22.15 17.97 4.79
CA PHE A 243 -22.11 16.59 4.25
C PHE A 243 -20.91 16.36 3.36
N ASN A 244 -20.33 15.15 3.45
CA ASN A 244 -19.34 14.66 2.48
C ASN A 244 -20.07 14.24 1.21
N ASN A 245 -19.40 14.41 0.08
CA ASN A 245 -20.00 14.05 -1.20
C ASN A 245 -18.92 13.59 -2.12
N GLY A 246 -19.23 12.56 -2.90
CA GLY A 246 -18.40 12.12 -4.03
C GLY A 246 -19.18 12.32 -5.32
N TYR A 247 -18.44 12.36 -6.43
CA TYR A 247 -19.07 12.42 -7.74
C TYR A 247 -19.04 11.02 -8.35
N PHE A 248 -20.17 10.35 -8.30
CA PHE A 248 -20.22 8.98 -8.76
C PHE A 248 -20.71 8.96 -10.21
N GLU A 249 -19.92 8.30 -11.05
CA GLU A 249 -20.23 8.14 -12.46
C GLU A 249 -20.35 6.64 -12.72
N PRO A 250 -21.20 6.24 -13.71
CA PRO A 250 -21.40 4.81 -13.98
C PRO A 250 -20.33 4.27 -14.93
N ALA A 251 -19.90 3.04 -14.66
CA ALA A 251 -18.85 2.38 -15.41
C ALA A 251 -19.31 1.97 -16.83
N SER A 252 -20.61 2.09 -17.09
CA SER A 252 -21.20 1.76 -18.39
C SER A 252 -22.59 2.38 -18.48
N GLU A 253 -23.26 2.19 -19.63
CA GLU A 253 -24.72 2.30 -19.71
C GLU A 253 -25.21 1.03 -19.05
N LYS A 254 -26.52 0.84 -18.88
CA LYS A 254 -27.01 -0.34 -18.14
C LYS A 254 -28.08 0.04 -17.11
N ILE A 258 -26.18 2.45 -13.61
CA ILE A 258 -26.48 3.82 -13.27
C ILE A 258 -27.34 3.89 -12.01
N ARG A 259 -27.97 2.77 -11.66
CA ARG A 259 -28.75 2.64 -10.45
C ARG A 259 -27.84 2.55 -9.22
N ALA A 260 -26.67 1.96 -9.42
CA ALA A 260 -25.67 1.86 -8.36
C ALA A 260 -25.08 3.24 -8.12
N VAL A 261 -24.99 4.05 -9.18
CA VAL A 261 -24.67 5.46 -9.02
C VAL A 261 -25.78 6.11 -8.19
N ARG A 262 -27.04 5.83 -8.54
CA ARG A 262 -28.19 6.39 -7.81
CA ARG A 262 -28.16 6.42 -7.80
C ARG A 262 -28.12 6.02 -6.32
N PHE A 263 -27.86 4.75 -6.02
CA PHE A 263 -27.70 4.34 -4.61
C PHE A 263 -26.54 5.09 -3.91
N MET A 264 -25.38 5.21 -4.56
CA MET A 264 -24.23 5.84 -3.90
C MET A 264 -24.49 7.31 -3.64
N HIS A 265 -25.10 7.99 -4.60
CA HIS A 265 -25.52 9.37 -4.39
C HIS A 265 -26.45 9.46 -3.16
N GLN A 266 -27.50 8.64 -3.12
CA GLN A 266 -28.51 8.78 -2.07
C GLN A 266 -27.98 8.36 -0.69
N PHE A 267 -27.02 7.42 -0.68
CA PHE A 267 -26.45 6.86 0.55
C PHE A 267 -25.24 7.67 1.08
N ASN A 268 -24.28 7.95 0.19
CA ASN A 268 -23.00 8.56 0.54
CA ASN A 268 -22.99 8.55 0.57
C ASN A 268 -23.04 10.07 0.50
N ASN A 269 -23.99 10.63 -0.26
CA ASN A 269 -24.05 12.10 -0.44
C ASN A 269 -25.14 12.79 0.38
N TYR A 270 -25.28 14.11 0.25
CA TYR A 270 -26.29 14.86 1.02
C TYR A 270 -27.73 14.25 1.14
N PRO A 271 -28.24 13.46 0.13
CA PRO A 271 -29.65 13.02 0.27
C PRO A 271 -29.97 12.15 1.49
N LEU A 272 -29.00 11.41 1.99
CA LEU A 272 -29.29 10.58 3.17
C LEU A 272 -29.85 11.42 4.32
N PHE A 273 -29.37 12.66 4.42
CA PHE A 273 -29.76 13.57 5.46
C PHE A 273 -30.76 14.62 4.98
N LEU A 274 -30.60 15.09 3.75
CA LEU A 274 -31.48 16.14 3.24
C LEU A 274 -32.88 15.64 2.89
N ASN A 275 -32.97 14.38 2.47
CA ASN A 275 -34.31 13.84 2.24
C ASN A 275 -35.12 13.87 3.52
N PRO A 276 -34.55 13.41 4.65
CA PRO A 276 -35.27 13.65 5.91
C PRO A 276 -35.57 15.12 6.26
N ILE A 277 -34.57 16.00 6.18
CA ILE A 277 -34.76 17.39 6.57
C ILE A 277 -35.81 18.13 5.72
N TYR A 278 -35.77 17.92 4.42
CA TYR A 278 -36.64 18.65 3.49
C TYR A 278 -37.93 17.91 3.14
N ARG A 279 -37.86 16.59 3.17
CA ARG A 279 -38.97 15.74 2.70
C ARG A 279 -39.54 14.79 3.75
N GLY A 280 -38.86 14.63 4.89
CA GLY A 280 -39.42 13.82 5.99
C GLY A 280 -39.30 12.30 5.85
N ASP A 281 -38.39 11.83 5.03
CA ASP A 281 -38.07 10.40 5.01
C ASP A 281 -36.72 10.20 4.39
N TYR A 282 -36.12 9.03 4.63
CA TYR A 282 -34.88 8.67 3.98
C TYR A 282 -35.10 8.48 2.48
N PRO A 283 -34.04 8.64 1.66
CA PRO A 283 -34.19 8.40 0.21
C PRO A 283 -34.59 6.95 -0.13
N GLU A 284 -35.27 6.76 -1.26
CA GLU A 284 -35.79 5.47 -1.69
C GLU A 284 -34.79 4.32 -1.65
N LEU A 285 -33.62 4.50 -2.28
CA LEU A 285 -32.66 3.40 -2.37
C LEU A 285 -31.95 3.11 -1.03
N VAL A 286 -31.85 4.12 -0.16
CA VAL A 286 -31.38 3.88 1.23
C VAL A 286 -32.36 2.97 1.97
N LEU A 287 -33.66 3.28 1.92
CA LEU A 287 -34.66 2.41 2.56
C LEU A 287 -34.69 1.01 1.96
N GLU A 288 -34.47 0.89 0.66
CA GLU A 288 -34.37 -0.43 0.06
CA GLU A 288 -34.33 -0.41 0.00
C GLU A 288 -33.22 -1.24 0.67
N PHE A 289 -32.06 -0.62 0.82
CA PHE A 289 -30.91 -1.29 1.40
C PHE A 289 -31.01 -1.49 2.93
N ALA A 290 -31.53 -0.48 3.62
CA ALA A 290 -31.26 -0.34 5.06
C ALA A 290 -32.49 -0.28 5.99
N ARG A 291 -33.69 -0.44 5.44
CA ARG A 291 -34.89 -0.36 6.26
C ARG A 291 -34.81 -1.23 7.52
N GLU A 292 -34.28 -2.43 7.37
CA GLU A 292 -34.26 -3.41 8.45
C GLU A 292 -33.38 -2.93 9.62
N TYR A 293 -32.47 -2.00 9.32
CA TYR A 293 -31.44 -1.57 10.27
C TYR A 293 -31.86 -0.31 10.99
N LEU A 294 -32.88 0.37 10.48
CA LEU A 294 -33.37 1.58 11.12
C LEU A 294 -34.30 1.20 12.25
N PRO A 295 -34.50 2.12 13.22
CA PRO A 295 -35.47 1.81 14.27
C PRO A 295 -36.85 1.50 13.67
N GLU A 296 -37.63 0.65 14.33
CA GLU A 296 -38.89 0.21 13.72
C GLU A 296 -39.86 1.37 13.48
N ASN A 297 -39.87 2.33 14.40
CA ASN A 297 -40.80 3.46 14.34
C ASN A 297 -40.07 4.80 14.06
N TYR A 298 -39.06 4.73 13.21
CA TYR A 298 -38.20 5.87 12.91
C TYR A 298 -38.98 7.08 12.37
N LYS A 299 -40.12 6.86 11.67
CA LYS A 299 -40.91 7.97 11.08
C LYS A 299 -41.50 8.88 12.13
N ASP A 300 -41.71 8.35 13.34
CA ASP A 300 -42.24 9.14 14.45
C ASP A 300 -41.37 10.39 14.70
N ASP A 301 -40.09 10.29 14.37
CA ASP A 301 -39.13 11.38 14.60
C ASP A 301 -38.99 12.35 13.41
N MET A 302 -39.52 11.97 12.26
CA MET A 302 -39.31 12.73 11.05
C MET A 302 -39.88 14.15 11.05
N SER A 303 -41.01 14.38 11.72
CA SER A 303 -41.57 15.73 11.76
C SER A 303 -40.62 16.66 12.51
N GLU A 304 -39.99 16.19 13.58
CA GLU A 304 -39.03 17.01 14.31
CA GLU A 304 -39.06 17.10 14.24
C GLU A 304 -37.72 17.22 13.52
N ILE A 305 -37.37 16.22 12.73
CA ILE A 305 -36.13 16.23 11.92
C ILE A 305 -36.21 17.31 10.83
N GLN A 306 -37.45 17.72 10.51
CA GLN A 306 -37.65 18.74 9.48
C GLN A 306 -37.42 20.18 9.94
N GLU A 307 -36.88 20.39 11.14
CA GLU A 307 -36.58 21.71 11.66
C GLU A 307 -35.83 22.53 10.60
N LYS A 308 -36.30 23.76 10.35
CA LYS A 308 -35.76 24.59 9.24
C LYS A 308 -34.27 24.94 9.45
N ILE A 309 -33.48 24.76 8.42
CA ILE A 309 -32.06 25.11 8.45
C ILE A 309 -31.81 26.29 7.51
N ASP A 310 -30.66 26.93 7.65
CA ASP A 310 -30.40 28.20 6.95
C ASP A 310 -29.49 28.02 5.77
N PHE A 311 -28.61 27.01 5.84
CA PHE A 311 -27.71 26.70 4.73
C PHE A 311 -27.27 25.25 4.73
N VAL A 312 -26.78 24.80 3.58
CA VAL A 312 -26.21 23.47 3.44
C VAL A 312 -24.71 23.62 3.15
N GLY A 313 -23.89 22.96 3.94
CA GLY A 313 -22.46 22.86 3.62
C GLY A 313 -22.17 21.56 2.89
N LEU A 314 -21.49 21.67 1.75
CA LEU A 314 -21.04 20.50 1.05
C LEU A 314 -19.52 20.47 1.05
N ASN A 315 -18.98 19.31 1.43
CA ASN A 315 -17.56 19.00 1.26
C ASN A 315 -17.48 18.13 0.02
N TYR A 316 -16.40 18.30 -0.72
CA TYR A 316 -16.18 17.56 -1.95
C TYR A 316 -14.66 17.44 -2.24
N TYR A 317 -14.19 16.23 -2.53
CA TYR A 317 -12.79 15.97 -2.86
C TYR A 317 -12.60 15.18 -4.13
N SER A 318 -13.48 14.21 -4.35
CA SER A 318 -13.16 13.11 -5.24
C SER A 318 -14.32 12.62 -6.09
N GLY A 319 -13.98 12.08 -7.27
CA GLY A 319 -14.95 11.35 -8.11
C GLY A 319 -14.69 9.85 -8.07
N HIS A 320 -15.73 9.05 -8.33
CA HIS A 320 -15.64 7.59 -8.28
C HIS A 320 -16.39 6.91 -9.41
N LEU A 321 -15.72 5.98 -10.07
CA LEU A 321 -16.36 5.17 -11.10
C LEU A 321 -16.91 3.97 -10.39
N VAL A 322 -18.21 3.74 -10.60
CA VAL A 322 -18.97 2.78 -9.85
C VAL A 322 -19.70 1.86 -10.81
N LYS A 323 -19.78 0.58 -10.46
CA LYS A 323 -20.61 -0.35 -11.20
C LYS A 323 -21.24 -1.27 -10.18
N PHE A 324 -22.44 -1.77 -10.52
CA PHE A 324 -23.11 -2.81 -9.73
C PHE A 324 -22.19 -4.01 -9.59
N ASP A 325 -22.35 -4.73 -8.48
CA ASP A 325 -21.53 -5.88 -8.14
C ASP A 325 -22.25 -6.74 -7.11
N PRO A 326 -22.71 -7.95 -7.52
CA PRO A 326 -23.53 -8.80 -6.65
C PRO A 326 -22.85 -9.20 -5.34
N PRO A 329 -21.75 -6.77 -1.17
CA PRO A 329 -21.58 -6.08 0.12
C PRO A 329 -22.68 -5.03 0.35
N ALA A 330 -22.73 -4.01 -0.51
CA ALA A 330 -23.95 -3.19 -0.70
C ALA A 330 -24.36 -3.27 -2.19
N LYS A 331 -23.80 -4.27 -2.88
CA LYS A 331 -24.01 -4.50 -4.32
C LYS A 331 -23.38 -3.41 -5.20
N VAL A 332 -22.32 -2.80 -4.67
CA VAL A 332 -21.58 -1.75 -5.35
C VAL A 332 -20.10 -1.98 -5.17
N SER A 333 -19.32 -1.83 -6.22
CA SER A 333 -17.87 -1.81 -6.04
C SER A 333 -17.30 -0.67 -6.85
N PHE A 334 -16.15 -0.18 -6.42
CA PHE A 334 -15.48 0.86 -7.15
C PHE A 334 -14.58 0.27 -8.24
N VAL A 335 -14.47 1.01 -9.34
CA VAL A 335 -13.63 0.61 -10.44
C VAL A 335 -12.54 1.66 -10.59
N GLU A 336 -11.29 1.24 -10.41
CA GLU A 336 -10.15 2.14 -10.56
C GLU A 336 -10.13 2.78 -11.95
N ARG A 337 -9.69 4.03 -12.01
CA ARG A 337 -9.56 4.73 -13.28
C ARG A 337 -8.15 5.29 -13.40
N ASP A 338 -7.68 5.37 -14.64
CA ASP A 338 -6.39 5.94 -14.91
C ASP A 338 -6.56 7.46 -14.99
N LEU A 339 -6.67 8.08 -13.82
CA LEU A 339 -6.83 9.53 -13.70
C LEU A 339 -5.80 10.01 -12.69
N PRO A 340 -5.40 11.28 -12.78
CA PRO A 340 -4.56 11.87 -11.74
C PRO A 340 -5.21 11.66 -10.35
N LYS A 341 -4.39 11.30 -9.37
CA LYS A 341 -4.87 11.01 -8.01
C LYS A 341 -4.07 11.81 -6.99
N THR A 342 -4.62 11.97 -5.79
CA THR A 342 -3.88 12.65 -4.70
C THR A 342 -3.14 11.58 -3.93
N ALA A 343 -2.35 12.00 -2.92
CA ALA A 343 -1.70 11.04 -2.01
C ALA A 343 -2.68 10.15 -1.24
N MET A 344 -3.96 10.53 -1.21
CA MET A 344 -5.00 9.69 -0.62
C MET A 344 -5.41 8.56 -1.58
N GLY A 345 -5.00 8.67 -2.84
CA GLY A 345 -5.51 7.76 -3.84
C GLY A 345 -6.86 8.20 -4.39
N TRP A 346 -7.25 9.44 -4.09
CA TRP A 346 -8.52 9.96 -4.53
C TRP A 346 -8.35 10.53 -5.96
N GLU A 347 -9.24 10.16 -6.86
CA GLU A 347 -9.23 10.66 -8.23
C GLU A 347 -9.66 12.12 -8.28
N ILE A 348 -8.92 12.91 -9.08
CA ILE A 348 -9.17 14.35 -9.22
C ILE A 348 -10.15 14.58 -10.37
N VAL A 349 -11.36 15.03 -10.01
CA VAL A 349 -12.46 15.19 -10.99
C VAL A 349 -13.14 16.50 -10.64
N PRO A 350 -12.57 17.63 -11.09
CA PRO A 350 -13.09 18.95 -10.71
C PRO A 350 -14.56 19.17 -11.06
N GLU A 351 -15.03 18.61 -12.18
CA GLU A 351 -16.42 18.82 -12.61
C GLU A 351 -17.38 18.29 -11.55
N GLY A 352 -16.88 17.36 -10.74
CA GLY A 352 -17.60 16.82 -9.58
C GLY A 352 -18.17 17.87 -8.68
N ILE A 353 -17.39 18.89 -8.38
CA ILE A 353 -17.88 19.98 -7.50
C ILE A 353 -19.01 20.82 -8.14
N TYR A 354 -18.90 21.09 -9.45
CA TYR A 354 -20.00 21.68 -10.19
C TYR A 354 -21.25 20.78 -10.19
N TRP A 355 -21.08 19.48 -10.44
CA TRP A 355 -22.21 18.58 -10.43
C TRP A 355 -22.98 18.56 -9.09
N ILE A 356 -22.23 18.50 -7.99
CA ILE A 356 -22.88 18.34 -6.70
C ILE A 356 -23.60 19.64 -6.29
N LEU A 357 -23.06 20.77 -6.72
CA LEU A 357 -23.72 22.04 -6.50
C LEU A 357 -24.99 22.19 -7.34
N LYS A 358 -24.92 21.82 -8.63
CA LYS A 358 -26.13 21.81 -9.48
C LYS A 358 -27.17 20.88 -8.86
N LYS A 359 -26.72 19.67 -8.52
CA LYS A 359 -27.61 18.63 -8.01
C LYS A 359 -28.33 19.00 -6.71
N VAL A 360 -27.63 19.63 -5.77
CA VAL A 360 -28.27 20.00 -4.51
C VAL A 360 -29.39 21.07 -4.69
N LYS A 361 -29.17 22.03 -5.61
CA LYS A 361 -30.20 23.04 -5.93
C LYS A 361 -31.40 22.36 -6.55
N GLU A 362 -31.11 21.42 -7.46
CA GLU A 362 -32.15 20.78 -8.24
CA GLU A 362 -32.14 20.76 -8.25
C GLU A 362 -33.00 19.84 -7.39
N GLU A 363 -32.36 19.22 -6.39
CA GLU A 363 -33.06 18.27 -5.53
C GLU A 363 -33.73 18.88 -4.30
N TYR A 364 -33.06 19.79 -3.59
CA TYR A 364 -33.65 20.35 -2.36
C TYR A 364 -33.77 21.87 -2.33
N ASN A 365 -33.12 22.53 -3.28
CA ASN A 365 -33.15 23.98 -3.36
C ASN A 365 -32.92 24.72 -2.02
N PRO A 366 -31.84 24.34 -1.28
CA PRO A 366 -31.59 25.06 -0.04
C PRO A 366 -31.38 26.54 -0.33
N PRO A 367 -31.70 27.42 0.62
CA PRO A 367 -31.58 28.86 0.35
C PRO A 367 -30.14 29.36 0.20
N GLU A 368 -29.19 28.74 0.92
CA GLU A 368 -27.75 29.03 0.74
C GLU A 368 -26.96 27.73 0.70
N VAL A 369 -25.87 27.72 -0.07
CA VAL A 369 -24.93 26.59 -0.01
C VAL A 369 -23.57 27.20 0.28
N TYR A 370 -22.76 26.47 1.04
CA TYR A 370 -21.32 26.72 1.08
C TYR A 370 -20.55 25.47 0.68
N ILE A 371 -19.40 25.68 0.06
CA ILE A 371 -18.44 24.64 -0.07
C ILE A 371 -17.61 24.76 1.21
N THR A 372 -17.85 23.84 2.14
CA THR A 372 -17.23 23.91 3.49
C THR A 372 -15.88 23.21 3.63
N GLU A 373 -15.53 22.36 2.64
CA GLU A 373 -14.20 21.77 2.51
C GLU A 373 -14.01 21.38 1.05
N ASN A 374 -12.82 21.70 0.53
CA ASN A 374 -12.29 21.20 -0.75
C ASN A 374 -10.78 21.34 -0.60
N GLY A 375 -10.03 20.37 -1.05
CA GLY A 375 -8.58 20.41 -0.85
C GLY A 375 -7.97 19.09 -1.31
N ALA A 376 -6.66 18.97 -1.15
CA ALA A 376 -5.94 17.76 -1.61
C ALA A 376 -4.71 17.44 -0.78
N ALA A 377 -4.42 16.15 -0.68
CA ALA A 377 -3.18 15.74 -0.01
C ALA A 377 -2.17 15.39 -1.07
N PHE A 378 -0.99 16.00 -0.96
CA PHE A 378 0.17 15.70 -1.82
C PHE A 378 1.40 15.48 -0.97
N ASP A 379 2.41 14.77 -1.52
CA ASP A 379 3.66 14.56 -0.78
C ASP A 379 4.48 15.82 -0.83
N ASP A 380 4.11 16.79 0.01
CA ASP A 380 4.80 18.08 0.06
C ASP A 380 6.20 18.00 0.62
N VAL A 381 7.11 18.71 -0.05
CA VAL A 381 8.48 18.87 0.43
C VAL A 381 8.91 20.32 0.46
N VAL A 382 9.77 20.63 1.42
CA VAL A 382 10.37 21.93 1.55
C VAL A 382 11.66 21.89 0.72
N SER A 383 11.69 22.68 -0.36
CA SER A 383 12.83 22.80 -1.30
C SER A 383 14.01 23.42 -0.63
N GLU A 384 15.19 23.38 -1.27
CA GLU A 384 16.34 24.04 -0.66
C GLU A 384 16.14 25.54 -0.55
N ASP A 385 15.27 26.08 -1.41
CA ASP A 385 14.92 27.51 -1.36
C ASP A 385 13.96 27.92 -0.21
N GLY A 386 13.66 26.98 0.69
CA GLY A 386 12.84 27.30 1.88
C GLY A 386 11.34 27.30 1.58
N ARG A 387 10.98 27.01 0.33
CA ARG A 387 9.60 27.08 -0.12
CA ARG A 387 9.60 27.09 -0.15
C ARG A 387 8.98 25.72 -0.43
N VAL A 388 7.65 25.64 -0.43
CA VAL A 388 6.95 24.41 -0.81
C VAL A 388 6.25 24.62 -2.14
N HIS A 389 6.80 24.03 -3.21
CA HIS A 389 6.32 24.29 -4.55
C HIS A 389 5.19 23.33 -5.00
N ASP A 390 4.03 23.45 -4.35
CA ASP A 390 2.91 22.55 -4.59
C ASP A 390 2.03 23.01 -5.74
N GLN A 391 2.58 22.97 -6.96
CA GLN A 391 1.84 23.33 -8.15
C GLN A 391 0.71 22.33 -8.30
N ASN A 392 0.94 21.08 -7.90
CA ASN A 392 -0.15 20.11 -7.93
C ASN A 392 -1.41 20.52 -7.12
N ARG A 393 -1.19 21.06 -5.92
CA ARG A 393 -2.30 21.58 -5.10
C ARG A 393 -2.91 22.88 -5.68
N ILE A 394 -2.08 23.75 -6.26
CA ILE A 394 -2.58 24.96 -6.90
C ILE A 394 -3.51 24.56 -8.03
N ASP A 395 -3.08 23.60 -8.85
CA ASP A 395 -3.86 23.22 -10.03
C ASP A 395 -5.20 22.65 -9.60
N TYR A 396 -5.14 21.82 -8.54
CA TYR A 396 -6.33 21.20 -7.93
C TYR A 396 -7.27 22.29 -7.42
N LEU A 397 -6.79 23.21 -6.59
CA LEU A 397 -7.70 24.23 -6.10
C LEU A 397 -8.26 25.12 -7.23
N LYS A 398 -7.41 25.49 -8.19
CA LYS A 398 -7.87 26.39 -9.26
CA LYS A 398 -7.83 26.36 -9.31
C LYS A 398 -9.00 25.79 -10.08
N ALA A 399 -8.86 24.52 -10.48
CA ALA A 399 -9.87 23.86 -11.26
C ALA A 399 -11.18 23.76 -10.51
N HIS A 400 -11.11 23.53 -9.20
CA HIS A 400 -12.33 23.32 -8.44
C HIS A 400 -13.02 24.65 -8.20
N ILE A 401 -12.24 25.71 -7.95
CA ILE A 401 -12.81 27.04 -7.77
C ILE A 401 -13.47 27.49 -9.09
N GLY A 402 -12.87 27.11 -10.22
CA GLY A 402 -13.45 27.43 -11.55
C GLY A 402 -14.83 26.80 -11.75
N GLN A 403 -14.96 25.54 -11.32
CA GLN A 403 -16.24 24.82 -11.39
C GLN A 403 -17.29 25.37 -10.44
N ALA A 404 -16.88 25.70 -9.21
CA ALA A 404 -17.73 26.44 -8.28
C ALA A 404 -18.24 27.75 -8.92
N TRP A 405 -17.34 28.50 -9.53
CA TRP A 405 -17.71 29.74 -10.23
C TRP A 405 -18.81 29.49 -11.24
N LYS A 406 -18.71 28.38 -11.96
CA LYS A 406 -19.66 28.03 -13.00
C LYS A 406 -21.06 27.85 -12.44
N ALA A 407 -21.14 27.05 -11.37
CA ALA A 407 -22.39 26.79 -10.67
C ALA A 407 -23.07 28.08 -10.25
N ILE A 408 -22.28 29.04 -9.79
CA ILE A 408 -22.80 30.36 -9.45
C ILE A 408 -23.42 31.06 -10.67
N GLN A 409 -22.72 30.99 -11.80
CA GLN A 409 -23.22 31.67 -13.02
C GLN A 409 -24.57 31.08 -13.42
N GLU A 410 -24.77 29.81 -13.09
CA GLU A 410 -26.01 29.10 -13.43
C GLU A 410 -27.03 29.08 -12.28
N GLY A 411 -26.86 29.97 -11.30
CA GLY A 411 -27.90 30.20 -10.31
C GLY A 411 -27.82 29.41 -9.01
N VAL A 412 -26.73 28.69 -8.77
CA VAL A 412 -26.58 28.07 -7.44
C VAL A 412 -26.21 29.16 -6.41
N PRO A 413 -26.96 29.21 -5.29
CA PRO A 413 -26.70 30.25 -4.28
C PRO A 413 -25.50 29.91 -3.37
N LEU A 414 -24.33 29.76 -3.99
CA LEU A 414 -23.07 29.51 -3.28
C LEU A 414 -22.51 30.77 -2.66
N LYS A 415 -22.46 30.79 -1.33
CA LYS A 415 -22.10 32.01 -0.59
C LYS A 415 -20.64 32.07 -0.16
N GLY A 416 -19.96 30.93 -0.25
CA GLY A 416 -18.58 30.84 0.27
C GLY A 416 -17.92 29.54 -0.13
N TYR A 417 -16.59 29.52 0.05
CA TYR A 417 -15.79 28.38 -0.32
C TYR A 417 -14.64 28.30 0.67
N PHE A 418 -14.45 27.11 1.27
CA PHE A 418 -13.45 26.92 2.34
C PHE A 418 -12.41 25.89 1.93
N VAL A 419 -11.13 26.27 1.99
CA VAL A 419 -10.11 25.29 1.66
C VAL A 419 -9.85 24.36 2.87
N TRP A 420 -9.84 23.06 2.62
CA TRP A 420 -9.30 22.11 3.62
C TRP A 420 -7.88 21.83 3.18
N SER A 421 -6.89 22.23 3.99
CA SER A 421 -7.05 22.84 5.33
C SER A 421 -6.07 24.00 5.44
N LEU A 422 -6.22 24.87 6.45
CA LEU A 422 -5.14 25.85 6.74
C LEU A 422 -3.77 25.18 6.90
N LEU A 423 -3.74 24.09 7.66
CA LEU A 423 -2.49 23.49 8.16
C LEU A 423 -2.47 22.00 7.83
N ASP A 424 -1.27 21.47 7.55
CA ASP A 424 -1.10 20.01 7.58
C ASP A 424 -1.48 19.56 9.02
N ASN A 425 -2.12 18.41 9.13
CA ASN A 425 -2.60 18.02 10.45
C ASN A 425 -2.78 16.53 10.58
N PHE A 426 -3.36 16.11 11.70
CA PHE A 426 -3.60 14.69 11.97
C PHE A 426 -4.76 14.20 11.11
N GLU A 427 -4.48 13.39 10.10
CA GLU A 427 -5.48 12.99 9.13
C GLU A 427 -6.10 11.67 9.61
N TRP A 428 -6.71 11.68 10.81
CA TRP A 428 -7.50 10.54 11.31
C TRP A 428 -6.68 9.26 11.28
N ALA A 429 -7.22 8.18 10.72
CA ALA A 429 -6.54 6.88 10.72
C ALA A 429 -5.22 6.81 9.91
N GLU A 430 -4.96 7.84 9.09
CA GLU A 430 -3.71 7.95 8.34
C GLU A 430 -2.65 8.67 9.15
N GLY A 431 -3.06 9.23 10.29
CA GLY A 431 -2.11 9.99 11.12
C GLY A 431 -1.51 11.17 10.34
N TYR A 432 -0.24 11.48 10.60
CA TYR A 432 0.45 12.64 10.01
C TYR A 432 1.02 12.39 8.63
N SER A 433 0.78 11.20 8.09
CA SER A 433 1.32 10.79 6.77
C SER A 433 0.65 11.52 5.58
N LYS A 434 -0.46 12.22 5.82
CA LYS A 434 -1.15 12.96 4.76
C LYS A 434 -1.31 14.45 5.04
N ARG A 435 -0.78 15.26 4.11
CA ARG A 435 -0.65 16.70 4.30
C ARG A 435 -1.63 17.41 3.36
N PHE A 436 -2.64 18.06 3.96
CA PHE A 436 -3.69 18.81 3.24
C PHE A 436 -3.56 20.34 3.35
N GLY A 437 -2.59 20.83 4.10
CA GLY A 437 -2.49 22.24 4.37
C GLY A 437 -2.18 23.07 3.13
N ILE A 438 -2.53 24.34 3.21
CA ILE A 438 -1.95 25.36 2.33
C ILE A 438 -0.77 25.99 3.10
N VAL A 439 -0.62 25.55 4.36
CA VAL A 439 0.52 25.88 5.23
C VAL A 439 1.15 24.56 5.67
N TYR A 440 2.46 24.46 5.44
CA TYR A 440 3.25 23.32 5.82
C TYR A 440 3.61 23.37 7.30
N VAL A 441 3.51 22.23 7.97
CA VAL A 441 3.92 22.17 9.35
C VAL A 441 5.07 21.18 9.48
N ASP A 442 6.20 21.69 9.96
CA ASP A 442 7.31 20.84 10.35
C ASP A 442 7.05 20.39 11.77
N TYR A 443 6.68 19.13 11.94
CA TYR A 443 6.30 18.65 13.27
C TYR A 443 7.45 18.55 14.25
N SER A 444 8.70 18.52 13.77
CA SER A 444 9.86 18.47 14.71
C SER A 444 10.04 19.81 15.43
N THR A 445 9.66 20.90 14.76
CA THR A 445 9.82 22.23 15.32
C THR A 445 8.53 22.98 15.54
N GLN A 446 7.44 22.48 14.93
CA GLN A 446 6.17 23.26 14.78
C GLN A 446 6.26 24.52 13.91
N LYS A 447 7.35 24.67 13.17
CA LYS A 447 7.43 25.77 12.20
C LYS A 447 6.34 25.68 11.12
N ARG A 448 5.69 26.79 10.85
CA ARG A 448 4.75 26.90 9.71
C ARG A 448 5.46 27.52 8.51
N ILE A 449 5.27 26.92 7.35
CA ILE A 449 5.80 27.44 6.09
C ILE A 449 4.68 27.57 5.10
N VAL A 450 4.26 28.80 4.81
CA VAL A 450 3.17 28.99 3.84
C VAL A 450 3.59 28.34 2.52
N LYS A 451 2.78 27.43 2.00
CA LYS A 451 3.06 26.78 0.72
C LYS A 451 2.69 27.69 -0.44
N ASP A 452 3.14 27.34 -1.63
CA ASP A 452 2.83 28.12 -2.83
C ASP A 452 1.32 28.23 -3.02
N SER A 453 0.60 27.12 -2.77
CA SER A 453 -0.88 27.12 -2.83
C SER A 453 -1.50 28.17 -1.90
N GLY A 454 -0.92 28.37 -0.71
CA GLY A 454 -1.45 29.37 0.24
C GLY A 454 -1.26 30.78 -0.32
N TYR A 455 -0.07 31.00 -0.90
CA TYR A 455 0.21 32.30 -1.50
C TYR A 455 -0.75 32.58 -2.63
N TRP A 456 -0.91 31.58 -3.49
CA TRP A 456 -1.82 31.61 -4.62
C TRP A 456 -3.27 31.89 -4.18
N TYR A 457 -3.70 31.22 -3.12
CA TYR A 457 -5.06 31.39 -2.62
C TYR A 457 -5.26 32.80 -2.10
N SER A 458 -4.27 33.36 -1.43
CA SER A 458 -4.38 34.72 -0.90
CA SER A 458 -4.37 34.73 -0.90
C SER A 458 -4.71 35.70 -2.02
N ASN A 459 -4.15 35.44 -3.20
CA ASN A 459 -4.31 36.33 -4.34
C ASN A 459 -5.73 36.18 -4.90
N VAL A 460 -6.21 34.95 -4.92
CA VAL A 460 -7.61 34.69 -5.29
C VAL A 460 -8.54 35.47 -4.35
N VAL A 461 -8.32 35.34 -3.05
CA VAL A 461 -9.18 36.02 -2.11
C VAL A 461 -9.17 37.53 -2.33
N LYS A 462 -7.96 38.12 -2.35
CA LYS A 462 -7.76 39.56 -2.65
C LYS A 462 -8.47 40.03 -3.93
N ASN A 463 -8.35 39.23 -5.00
CA ASN A 463 -9.02 39.53 -6.28
C ASN A 463 -10.50 39.14 -6.33
N ASN A 464 -11.02 38.50 -5.27
CA ASN A 464 -12.36 37.90 -5.31
C ASN A 464 -12.57 36.99 -6.52
N GLY A 465 -11.54 36.26 -6.91
CA GLY A 465 -11.70 35.25 -7.96
C GLY A 465 -10.45 34.91 -8.71
N LEU A 466 -10.62 34.22 -9.83
CA LEU A 466 -9.53 33.66 -10.62
C LEU A 466 -9.05 34.54 -11.79
N GLU A 467 -7.76 34.38 -12.12
CA GLU A 467 -7.01 35.18 -13.11
C GLU A 467 -7.48 36.59 -13.35
N VAL B 25 -3.62 1.48 0.01
CA VAL B 25 -3.32 0.43 1.04
C VAL B 25 -3.65 -0.99 0.52
N LYS B 26 -2.67 -1.89 0.61
CA LYS B 26 -2.78 -3.24 0.07
C LYS B 26 -2.33 -4.26 1.12
N LYS B 27 -3.30 -4.90 1.76
CA LYS B 27 -3.03 -5.89 2.80
C LYS B 27 -3.07 -7.31 2.23
N PHE B 28 -2.10 -8.13 2.63
CA PHE B 28 -1.99 -9.49 2.10
C PHE B 28 -2.69 -10.46 3.04
N PRO B 29 -3.08 -11.64 2.51
CA PRO B 29 -3.66 -12.72 3.30
C PRO B 29 -3.05 -12.91 4.68
N GLU B 30 -3.86 -13.37 5.62
CA GLU B 30 -3.39 -13.71 6.94
C GLU B 30 -2.46 -14.92 6.81
N GLY B 31 -1.21 -14.75 7.17
CA GLY B 31 -0.23 -15.84 7.12
C GLY B 31 0.79 -15.72 6.01
N PHE B 32 0.59 -14.73 5.12
CA PHE B 32 1.51 -14.42 4.04
C PHE B 32 2.94 -14.24 4.54
N LEU B 33 3.89 -14.86 3.83
CA LEU B 33 5.27 -14.95 4.29
C LEU B 33 6.17 -13.92 3.60
N TRP B 34 6.86 -13.10 4.39
CA TRP B 34 7.78 -12.10 3.85
C TRP B 34 9.20 -12.51 4.13
N GLY B 35 10.00 -12.60 3.07
CA GLY B 35 11.37 -13.04 3.23
C GLY B 35 12.40 -12.23 2.50
N VAL B 36 13.64 -12.64 2.69
CA VAL B 36 14.78 -12.16 1.90
C VAL B 36 15.48 -13.42 1.35
N ALA B 37 16.30 -13.25 0.33
CA ALA B 37 16.96 -14.41 -0.32
C ALA B 37 18.46 -14.19 -0.56
N THR B 38 19.24 -15.26 -0.32
CA THR B 38 20.68 -15.29 -0.60
C THR B 38 21.03 -16.66 -1.23
N ALA B 39 22.28 -16.81 -1.66
CA ALA B 39 22.80 -18.09 -2.14
C ALA B 39 24.22 -18.32 -1.60
N SER B 40 24.56 -19.56 -1.26
CA SER B 40 25.87 -19.91 -0.69
C SER B 40 27.12 -19.25 -1.31
N TYR B 41 27.41 -19.54 -2.60
CA TYR B 41 28.62 -18.98 -3.23
C TYR B 41 28.58 -17.46 -3.35
N GLN B 42 27.40 -16.87 -3.42
CA GLN B 42 27.31 -15.43 -3.63
C GLN B 42 27.69 -14.60 -2.36
N ILE B 43 27.52 -15.19 -1.19
CA ILE B 43 27.74 -14.48 0.07
C ILE B 43 28.82 -15.04 0.96
N GLU B 44 29.04 -16.34 0.92
CA GLU B 44 29.75 -17.03 2.00
C GLU B 44 31.25 -16.76 2.12
N GLY B 45 31.99 -16.83 1.01
CA GLY B 45 33.44 -16.89 1.08
C GLY B 45 33.90 -18.17 1.75
N SER B 46 35.21 -18.27 2.02
CA SER B 46 35.81 -19.50 2.58
C SER B 46 35.36 -20.77 1.86
N PRO B 47 35.42 -20.78 0.50
CA PRO B 47 34.95 -21.96 -0.25
C PRO B 47 35.65 -23.27 0.13
N LEU B 48 36.91 -23.19 0.56
CA LEU B 48 37.65 -24.39 0.91
C LEU B 48 37.89 -24.54 2.42
N ALA B 49 37.22 -23.73 3.23
CA ALA B 49 37.36 -23.89 4.67
C ALA B 49 36.69 -25.15 5.18
N ASP B 50 37.29 -25.74 6.20
CA ASP B 50 36.68 -26.81 7.02
C ASP B 50 36.31 -28.07 6.22
N GLY B 51 37.21 -28.44 5.31
CA GLY B 51 37.11 -29.70 4.59
C GLY B 51 36.26 -29.66 3.33
N ALA B 52 35.84 -28.46 2.93
CA ALA B 52 34.97 -28.32 1.75
C ALA B 52 35.73 -28.64 0.47
N GLY B 53 35.04 -29.36 -0.44
CA GLY B 53 35.55 -29.58 -1.79
C GLY B 53 35.31 -28.33 -2.63
N MET B 54 36.08 -28.20 -3.71
CA MET B 54 35.92 -27.08 -4.64
C MET B 54 34.56 -27.20 -5.31
N SER B 55 33.98 -26.07 -5.69
CA SER B 55 32.77 -26.09 -6.51
C SER B 55 33.18 -25.72 -7.92
N ILE B 56 32.25 -25.87 -8.86
CA ILE B 56 32.47 -25.40 -10.22
C ILE B 56 32.58 -23.90 -10.33
N TRP B 57 32.01 -23.15 -9.37
CA TRP B 57 32.15 -21.72 -9.37
C TRP B 57 33.53 -21.25 -8.86
N HIS B 58 34.13 -22.04 -7.99
CA HIS B 58 35.50 -21.76 -7.54
C HIS B 58 36.47 -21.88 -8.72
N THR B 59 36.39 -23.02 -9.40
CA THR B 59 37.24 -23.27 -10.55
C THR B 59 36.94 -22.31 -11.72
N PHE B 60 35.65 -22.07 -12.04
CA PHE B 60 35.22 -21.10 -13.09
C PHE B 60 35.72 -19.67 -12.82
N SER B 61 35.50 -19.19 -11.58
CA SER B 61 35.93 -17.82 -11.26
C SER B 61 37.46 -17.69 -11.17
N HIS B 62 38.17 -18.76 -10.85
CA HIS B 62 39.65 -18.77 -10.86
C HIS B 62 40.27 -19.00 -12.23
N THR B 63 39.42 -19.04 -13.25
CA THR B 63 39.85 -19.11 -14.63
C THR B 63 39.80 -17.69 -15.16
N PRO B 64 40.95 -17.18 -15.59
CA PRO B 64 41.01 -15.86 -16.14
C PRO B 64 40.03 -15.64 -17.31
N GLY B 65 39.36 -14.51 -17.32
CA GLY B 65 38.53 -14.12 -18.44
C GLY B 65 37.07 -14.42 -18.24
N ASN B 66 36.75 -15.19 -17.20
CA ASN B 66 35.37 -15.61 -16.98
C ASN B 66 34.49 -14.67 -16.16
N VAL B 67 35.12 -13.91 -15.26
CA VAL B 67 34.39 -13.03 -14.33
C VAL B 67 34.99 -11.60 -14.41
N LYS B 68 34.12 -10.59 -14.39
CA LYS B 68 34.54 -9.19 -14.44
C LYS B 68 35.55 -8.86 -13.34
N ASN B 69 36.53 -8.03 -13.68
CA ASN B 69 37.56 -7.58 -12.75
C ASN B 69 38.31 -8.74 -12.12
N GLY B 70 38.14 -9.95 -12.66
CA GLY B 70 38.69 -11.15 -12.03
C GLY B 70 38.17 -11.48 -10.63
N ASP B 71 36.95 -11.03 -10.29
CA ASP B 71 36.39 -11.35 -8.98
C ASP B 71 36.13 -12.84 -8.80
N THR B 72 36.23 -13.30 -7.56
CA THR B 72 35.93 -14.68 -7.22
C THR B 72 35.06 -14.64 -5.98
N GLY B 73 34.55 -15.81 -5.57
CA GLY B 73 33.83 -15.93 -4.31
C GLY B 73 34.68 -16.27 -3.11
N ASP B 74 36.00 -16.02 -3.22
CA ASP B 74 36.96 -16.33 -2.17
C ASP B 74 36.56 -15.74 -0.82
N VAL B 75 36.04 -14.51 -0.86
CA VAL B 75 35.69 -13.77 0.36
C VAL B 75 34.20 -13.43 0.38
N ALA B 76 33.73 -12.78 -0.68
CA ALA B 76 32.33 -12.40 -0.84
C ALA B 76 31.90 -11.46 0.29
N CYS B 77 30.85 -11.82 1.00
CA CYS B 77 30.39 -11.00 2.13
C CYS B 77 30.97 -11.54 3.43
N ASP B 78 31.85 -12.55 3.30
CA ASP B 78 32.41 -13.26 4.45
C ASP B 78 31.31 -13.75 5.40
N HIS B 79 30.13 -14.05 4.84
CA HIS B 79 29.01 -14.62 5.62
C HIS B 79 29.35 -15.96 6.27
N TYR B 80 30.37 -16.66 5.77
CA TYR B 80 30.84 -17.86 6.45
C TYR B 80 31.21 -17.56 7.91
N ASN B 81 31.74 -16.36 8.13
CA ASN B 81 32.15 -15.93 9.46
C ASN B 81 31.14 -15.01 10.15
N ARG B 82 30.49 -14.17 9.36
CA ARG B 82 29.63 -13.10 9.89
C ARG B 82 28.13 -13.40 9.77
N TRP B 83 27.79 -14.69 9.78
CA TRP B 83 26.43 -15.15 9.59
C TRP B 83 25.49 -14.68 10.73
N LYS B 84 26.00 -14.73 11.96
CA LYS B 84 25.22 -14.32 13.15
C LYS B 84 24.75 -12.88 13.02
N GLU B 85 25.67 -11.95 12.74
CA GLU B 85 25.29 -10.55 12.48
C GLU B 85 24.22 -10.46 11.40
N ASP B 86 24.44 -11.18 10.29
CA ASP B 86 23.56 -11.09 9.13
C ASP B 86 22.11 -11.53 9.44
N ILE B 87 21.98 -12.59 10.24
CA ILE B 87 20.69 -13.12 10.69
C ILE B 87 20.01 -12.15 11.68
N GLU B 88 20.81 -11.59 12.58
CA GLU B 88 20.33 -10.55 13.49
C GLU B 88 19.72 -9.39 12.73
N ILE B 89 20.32 -8.99 11.62
CA ILE B 89 19.77 -7.87 10.84
C ILE B 89 18.46 -8.23 10.13
N ILE B 90 18.28 -9.51 9.78
CA ILE B 90 16.98 -9.99 9.31
C ILE B 90 16.00 -9.84 10.49
N GLU B 91 16.40 -10.38 11.64
CA GLU B 91 15.60 -10.37 12.87
C GLU B 91 15.31 -8.93 13.33
N LYS B 92 16.30 -8.05 13.20
CA LYS B 92 16.16 -6.63 13.48
C LYS B 92 15.13 -6.00 12.52
N LEU B 93 15.15 -6.43 11.26
CA LEU B 93 14.18 -5.93 10.28
C LEU B 93 12.82 -6.59 10.44
N GLY B 94 12.74 -7.60 11.32
CA GLY B 94 11.49 -8.31 11.56
C GLY B 94 11.03 -9.25 10.45
N VAL B 95 11.79 -9.30 9.33
CA VAL B 95 11.49 -10.14 8.17
C VAL B 95 11.17 -11.57 8.60
N LYS B 96 10.15 -12.17 7.98
CA LYS B 96 9.60 -13.43 8.49
C LYS B 96 10.32 -14.69 8.00
N ALA B 97 10.90 -14.63 6.80
CA ALA B 97 11.56 -15.83 6.24
C ALA B 97 12.91 -15.53 5.62
N TYR B 98 13.82 -16.50 5.71
CA TYR B 98 15.12 -16.43 5.04
C TYR B 98 15.25 -17.61 4.06
N ARG B 99 15.40 -17.26 2.78
CA ARG B 99 15.73 -18.24 1.73
C ARG B 99 17.23 -18.23 1.51
N PHE B 100 17.87 -19.36 1.83
CA PHE B 100 19.34 -19.51 1.69
C PHE B 100 19.67 -20.87 1.05
N SER B 101 20.86 -20.97 0.45
CA SER B 101 21.26 -22.25 -0.18
C SER B 101 22.36 -22.97 0.55
N ILE B 102 22.34 -24.30 0.43
CA ILE B 102 23.38 -25.15 0.94
C ILE B 102 24.44 -25.35 -0.17
N SER B 103 25.70 -25.24 0.24
CA SER B 103 26.82 -25.55 -0.64
C SER B 103 26.96 -27.05 -0.66
N TRP B 104 26.60 -27.69 -1.77
CA TRP B 104 26.77 -29.16 -1.90
C TRP B 104 28.19 -29.63 -1.50
N PRO B 105 29.27 -29.01 -2.06
CA PRO B 105 30.61 -29.49 -1.72
C PRO B 105 31.10 -29.20 -0.26
N ARG B 106 30.36 -28.40 0.50
CA ARG B 106 30.61 -28.31 1.95
C ARG B 106 30.10 -29.54 2.67
N ILE B 107 29.06 -30.16 2.15
CA ILE B 107 28.43 -31.29 2.81
C ILE B 107 29.07 -32.58 2.31
N LEU B 108 29.29 -32.64 0.99
CA LEU B 108 29.87 -33.82 0.37
C LEU B 108 31.01 -33.31 -0.52
N PRO B 109 32.24 -33.30 0.02
CA PRO B 109 33.37 -32.70 -0.70
C PRO B 109 33.68 -33.41 -2.03
N GLU B 110 33.35 -34.70 -2.12
CA GLU B 110 33.55 -35.53 -3.32
CA GLU B 110 33.56 -35.50 -3.34
C GLU B 110 32.26 -35.65 -4.14
N GLY B 111 31.26 -34.85 -3.79
CA GLY B 111 29.92 -34.95 -4.41
C GLY B 111 29.03 -36.09 -3.91
N THR B 112 29.62 -37.25 -3.69
CA THR B 112 28.93 -38.37 -3.06
C THR B 112 29.90 -38.91 -2.02
N GLY B 113 29.41 -39.81 -1.16
CA GLY B 113 30.28 -40.55 -0.23
C GLY B 113 30.32 -39.93 1.15
N ARG B 114 31.54 -39.57 1.56
CA ARG B 114 31.81 -39.01 2.91
C ARG B 114 31.12 -37.69 3.13
N VAL B 115 30.28 -37.63 4.16
CA VAL B 115 29.66 -36.37 4.60
C VAL B 115 30.67 -35.59 5.46
N ASN B 116 30.74 -34.29 5.23
CA ASN B 116 31.66 -33.42 5.98
C ASN B 116 30.89 -32.88 7.19
N GLN B 117 31.27 -33.36 8.37
CA GLN B 117 30.61 -32.98 9.63
C GLN B 117 30.63 -31.46 9.87
N LYS B 118 31.78 -30.84 9.65
CA LYS B 118 31.91 -29.39 9.77
C LYS B 118 31.01 -28.58 8.80
N GLY B 119 30.60 -29.19 7.69
CA GLY B 119 29.68 -28.52 6.76
C GLY B 119 28.27 -28.61 7.30
N LEU B 120 27.96 -29.77 7.89
CA LEU B 120 26.73 -29.93 8.63
C LEU B 120 26.62 -28.91 9.80
N ASP B 121 27.70 -28.77 10.56
CA ASP B 121 27.75 -27.79 11.68
C ASP B 121 27.40 -26.37 11.22
N PHE B 122 28.04 -25.92 10.15
CA PHE B 122 27.85 -24.55 9.68
C PHE B 122 26.39 -24.22 9.43
N TYR B 123 25.67 -25.11 8.76
CA TYR B 123 24.29 -24.81 8.42
C TYR B 123 23.35 -25.13 9.59
N ASN B 124 23.65 -26.16 10.36
CA ASN B 124 22.85 -26.41 11.57
C ASN B 124 22.85 -25.26 12.57
N ARG B 125 24.01 -24.65 12.79
CA ARG B 125 24.08 -23.39 13.55
C ARG B 125 23.20 -22.30 12.95
N ILE B 126 23.16 -22.21 11.62
CA ILE B 126 22.36 -21.21 10.93
C ILE B 126 20.87 -21.50 11.09
N ILE B 127 20.53 -22.80 11.03
CA ILE B 127 19.14 -23.26 11.13
C ILE B 127 18.64 -23.02 12.56
N ASP B 128 19.41 -23.49 13.55
CA ASP B 128 19.07 -23.27 14.96
C ASP B 128 18.84 -21.81 15.30
N THR B 129 19.80 -20.94 14.94
CA THR B 129 19.63 -19.49 15.11
C THR B 129 18.29 -18.98 14.55
N LEU B 130 17.99 -19.33 13.31
CA LEU B 130 16.79 -18.83 12.63
C LEU B 130 15.49 -19.23 13.33
N LEU B 131 15.42 -20.48 13.78
CA LEU B 131 14.26 -21.00 14.50
C LEU B 131 14.07 -20.31 15.87
N GLU B 132 15.18 -19.92 16.49
CA GLU B 132 15.15 -19.21 17.76
C GLU B 132 14.63 -17.81 17.57
N LYS B 133 15.23 -17.06 16.65
CA LYS B 133 14.76 -15.74 16.36
C LYS B 133 13.42 -15.75 15.63
N GLY B 134 12.80 -16.93 15.58
CA GLY B 134 11.49 -17.10 14.96
C GLY B 134 11.38 -16.73 13.48
N ILE B 135 12.43 -16.99 12.70
CA ILE B 135 12.38 -16.81 11.25
C ILE B 135 12.29 -18.16 10.54
N THR B 136 11.38 -18.28 9.56
CA THR B 136 11.18 -19.55 8.83
C THR B 136 12.28 -19.76 7.77
N PRO B 137 13.03 -20.87 7.88
CA PRO B 137 14.02 -21.18 6.85
C PRO B 137 13.42 -21.87 5.60
N PHE B 138 13.65 -21.25 4.44
CA PHE B 138 13.45 -21.88 3.12
C PHE B 138 14.80 -22.28 2.50
N VAL B 139 15.05 -23.58 2.38
CA VAL B 139 16.37 -24.04 1.91
C VAL B 139 16.40 -24.37 0.42
N THR B 140 17.31 -23.73 -0.33
CA THR B 140 17.58 -24.11 -1.71
C THR B 140 18.68 -25.19 -1.67
N ILE B 141 18.34 -26.38 -2.17
CA ILE B 141 19.26 -27.49 -2.13
C ILE B 141 20.39 -27.16 -3.10
N TYR B 142 19.99 -26.65 -4.27
CA TYR B 142 20.96 -26.38 -5.34
C TYR B 142 20.85 -25.00 -5.92
N HIS B 143 21.83 -24.16 -5.59
CA HIS B 143 21.92 -22.83 -6.20
C HIS B 143 23.26 -22.65 -6.90
N TRP B 144 23.61 -23.69 -7.71
CA TRP B 144 24.58 -23.58 -8.81
C TRP B 144 26.01 -23.98 -8.47
N ASP B 145 26.30 -24.21 -7.19
CA ASP B 145 27.67 -24.54 -6.76
C ASP B 145 27.90 -26.05 -6.72
N LEU B 146 27.89 -26.63 -7.92
CA LEU B 146 28.07 -28.07 -8.06
C LEU B 146 29.45 -28.44 -7.53
N PRO B 147 29.57 -29.59 -6.84
CA PRO B 147 30.92 -30.08 -6.51
C PRO B 147 31.76 -30.28 -7.77
N PHE B 148 33.00 -29.80 -7.73
CA PHE B 148 33.91 -29.97 -8.87
C PHE B 148 34.14 -31.44 -9.20
N ALA B 149 34.24 -32.28 -8.16
CA ALA B 149 34.38 -33.73 -8.30
C ALA B 149 33.32 -34.32 -9.26
N LEU B 150 32.10 -33.80 -9.22
CA LEU B 150 31.02 -34.32 -10.05
C LEU B 150 31.07 -33.73 -11.46
N GLN B 151 31.56 -32.51 -11.59
CA GLN B 151 31.82 -31.89 -12.90
C GLN B 151 32.85 -32.72 -13.70
N LEU B 152 33.84 -33.28 -13.00
CA LEU B 152 34.85 -34.14 -13.67
C LEU B 152 34.18 -35.38 -14.25
N LYS B 153 33.03 -35.75 -13.68
CA LYS B 153 32.23 -36.86 -14.19
C LYS B 153 31.07 -36.43 -15.10
N GLY B 154 31.15 -35.21 -15.60
CA GLY B 154 30.16 -34.72 -16.58
C GLY B 154 29.08 -33.85 -15.96
N GLY B 155 29.04 -33.79 -14.63
CA GLY B 155 28.06 -32.88 -14.00
C GLY B 155 26.65 -33.11 -14.52
N TRP B 156 25.96 -32.02 -14.86
CA TRP B 156 24.55 -32.11 -15.22
C TRP B 156 24.37 -32.81 -16.56
N ALA B 157 25.46 -33.01 -17.28
CA ALA B 157 25.39 -33.76 -18.55
C ALA B 157 25.18 -35.27 -18.30
N ASN B 158 25.55 -35.75 -17.12
CA ASN B 158 25.58 -37.19 -16.87
C ASN B 158 24.28 -37.65 -16.22
N ARG B 159 23.59 -38.63 -16.82
CA ARG B 159 22.31 -39.11 -16.24
C ARG B 159 22.43 -39.53 -14.80
N GLU B 160 23.64 -39.91 -14.42
CA GLU B 160 23.91 -40.37 -13.06
C GLU B 160 23.72 -39.30 -12.00
N ILE B 161 23.68 -38.02 -12.42
CA ILE B 161 23.49 -36.93 -11.47
C ILE B 161 22.14 -37.07 -10.76
N ALA B 162 21.18 -37.74 -11.37
CA ALA B 162 19.90 -37.97 -10.66
C ALA B 162 20.13 -38.77 -9.38
N ASP B 163 21.07 -39.74 -9.44
CA ASP B 163 21.50 -40.54 -8.28
CA ASP B 163 21.40 -40.52 -8.26
C ASP B 163 22.24 -39.69 -7.26
N TRP B 164 23.24 -38.97 -7.76
CA TRP B 164 24.07 -38.08 -6.91
C TRP B 164 23.23 -37.02 -6.16
N PHE B 165 22.31 -36.41 -6.89
CA PHE B 165 21.43 -35.38 -6.35
C PHE B 165 20.42 -35.94 -5.33
N ALA B 166 19.91 -37.14 -5.58
CA ALA B 166 19.06 -37.86 -4.64
C ALA B 166 19.81 -38.16 -3.31
N GLU B 167 21.04 -38.66 -3.42
CA GLU B 167 21.88 -38.94 -2.25
C GLU B 167 22.20 -37.67 -1.44
N TYR B 168 22.58 -36.60 -2.15
CA TYR B 168 22.83 -35.32 -1.52
C TYR B 168 21.57 -34.83 -0.78
N SER B 169 20.44 -34.81 -1.49
CA SER B 169 19.13 -34.41 -0.95
C SER B 169 18.76 -35.21 0.29
N ARG B 170 18.93 -36.53 0.22
CA ARG B 170 18.73 -37.40 1.38
C ARG B 170 19.58 -37.01 2.62
N VAL B 171 20.86 -36.68 2.42
CA VAL B 171 21.68 -36.20 3.52
C VAL B 171 21.10 -34.94 4.18
N LEU B 172 20.78 -33.94 3.35
CA LEU B 172 20.13 -32.71 3.82
C LEU B 172 18.83 -33.01 4.55
N PHE B 173 18.02 -33.91 3.98
CA PHE B 173 16.72 -34.19 4.56
C PHE B 173 16.89 -34.86 5.92
N GLU B 174 17.81 -35.83 6.00
CA GLU B 174 18.00 -36.58 7.25
C GLU B 174 18.64 -35.72 8.34
N ASN B 175 19.51 -34.79 7.97
CA ASN B 175 20.16 -33.94 8.98
C ASN B 175 19.40 -32.67 9.33
N PHE B 176 18.64 -32.15 8.39
CA PHE B 176 18.00 -30.84 8.58
C PHE B 176 16.47 -30.91 8.52
N GLY B 177 15.91 -32.07 8.18
CA GLY B 177 14.48 -32.22 7.91
C GLY B 177 13.54 -31.99 9.11
N ASP B 178 14.07 -32.26 10.30
CA ASP B 178 13.36 -32.09 11.58
C ASP B 178 13.01 -30.63 11.87
N ARG B 179 13.87 -29.71 11.46
CA ARG B 179 13.64 -28.28 11.67
C ARG B 179 13.27 -27.54 10.41
N VAL B 180 13.87 -27.92 9.27
CA VAL B 180 13.51 -27.29 8.01
C VAL B 180 12.39 -28.10 7.35
N LYS B 181 11.28 -27.41 7.08
CA LYS B 181 10.06 -28.02 6.52
C LYS B 181 9.68 -27.39 5.19
N ASN B 182 10.47 -26.41 4.74
CA ASN B 182 10.25 -25.77 3.44
C ASN B 182 11.48 -25.86 2.53
N TRP B 183 11.34 -26.56 1.41
CA TRP B 183 12.51 -26.96 0.61
C TRP B 183 12.35 -26.63 -0.85
N ILE B 184 13.47 -26.34 -1.52
CA ILE B 184 13.48 -26.06 -2.95
C ILE B 184 14.60 -26.96 -3.52
N THR B 185 14.25 -27.77 -4.51
CA THR B 185 15.24 -28.66 -5.15
C THR B 185 16.26 -27.83 -5.91
N LEU B 186 15.77 -27.08 -6.89
CA LEU B 186 16.64 -26.40 -7.82
C LEU B 186 16.29 -24.94 -7.98
N ASN B 187 17.34 -24.11 -7.98
CA ASN B 187 17.20 -22.73 -8.42
C ASN B 187 17.50 -22.50 -9.90
N GLU B 188 16.45 -22.12 -10.64
CA GLU B 188 16.55 -21.60 -12.01
C GLU B 188 17.34 -22.60 -12.88
N PRO B 189 16.81 -23.83 -13.03
CA PRO B 189 17.49 -24.82 -13.89
C PRO B 189 17.70 -24.35 -15.34
N TRP B 190 16.89 -23.42 -15.84
CA TRP B 190 17.11 -22.88 -17.18
C TRP B 190 18.47 -22.18 -17.25
N VAL B 191 18.77 -21.40 -16.21
CA VAL B 191 20.07 -20.69 -16.18
C VAL B 191 21.18 -21.73 -16.08
N VAL B 192 21.05 -22.66 -15.15
CA VAL B 192 22.04 -23.74 -14.95
C VAL B 192 22.39 -24.45 -16.28
N ALA B 193 21.36 -24.88 -17.01
CA ALA B 193 21.51 -25.60 -18.25
C ALA B 193 22.00 -24.69 -19.36
N ILE B 194 21.26 -23.63 -19.64
CA ILE B 194 21.51 -22.86 -20.85
C ILE B 194 22.68 -21.89 -20.69
N VAL B 195 22.70 -21.15 -19.61
CA VAL B 195 23.75 -20.17 -19.43
C VAL B 195 25.07 -20.87 -19.10
N GLY B 196 24.99 -21.97 -18.36
CA GLY B 196 26.18 -22.72 -17.95
C GLY B 196 26.73 -23.64 -19.04
N HIS B 197 25.85 -24.13 -19.92
CA HIS B 197 26.27 -25.16 -20.89
C HIS B 197 26.05 -24.84 -22.38
N LEU B 198 25.29 -23.79 -22.71
CA LEU B 198 25.13 -23.34 -24.10
C LEU B 198 25.82 -21.99 -24.33
N TYR B 199 25.59 -21.02 -23.44
CA TYR B 199 26.24 -19.73 -23.61
C TYR B 199 27.64 -19.72 -23.05
N GLY B 200 27.88 -20.59 -22.06
CA GLY B 200 29.20 -20.75 -21.44
C GLY B 200 29.61 -19.57 -20.55
N VAL B 201 28.63 -18.78 -20.12
CA VAL B 201 28.82 -17.54 -19.36
C VAL B 201 28.85 -17.81 -17.87
N HIS B 202 28.22 -18.92 -17.48
CA HIS B 202 28.30 -19.44 -16.14
C HIS B 202 29.01 -20.79 -16.10
N ALA B 203 29.49 -21.16 -14.92
CA ALA B 203 30.06 -22.48 -14.68
C ALA B 203 29.05 -23.57 -15.11
N PRO B 204 29.53 -24.62 -15.78
CA PRO B 204 30.95 -24.93 -16.04
C PRO B 204 31.56 -24.31 -17.30
N GLY B 205 30.86 -23.38 -17.96
CA GLY B 205 31.46 -22.59 -19.03
C GLY B 205 31.55 -23.30 -20.37
N MET B 206 30.53 -24.12 -20.67
CA MET B 206 30.49 -24.91 -21.90
CA MET B 206 30.50 -24.90 -21.91
C MET B 206 29.57 -24.26 -22.93
N ARG B 207 29.83 -24.53 -24.21
CA ARG B 207 28.94 -24.11 -25.28
C ARG B 207 28.68 -25.30 -26.19
N ASP B 208 27.69 -26.09 -25.83
CA ASP B 208 27.28 -27.25 -26.62
C ASP B 208 25.78 -27.43 -26.42
N ILE B 209 25.00 -27.26 -27.48
CA ILE B 209 23.54 -27.26 -27.31
C ILE B 209 22.99 -28.65 -26.98
N TYR B 210 23.69 -29.70 -27.44
CA TYR B 210 23.31 -31.06 -27.10
C TYR B 210 23.51 -31.31 -25.64
N VAL B 211 24.65 -30.86 -25.11
CA VAL B 211 24.90 -30.98 -23.69
C VAL B 211 23.85 -30.19 -22.91
N ALA B 212 23.55 -28.97 -23.38
CA ALA B 212 22.66 -28.06 -22.66
C ALA B 212 21.28 -28.68 -22.47
N PHE B 213 20.77 -29.30 -23.53
CA PHE B 213 19.42 -29.93 -23.43
C PHE B 213 19.39 -31.21 -22.61
N ARG B 214 20.52 -31.92 -22.59
CA ARG B 214 20.65 -33.06 -21.72
C ARG B 214 20.72 -32.61 -20.25
N ALA B 215 21.38 -31.49 -20.00
CA ALA B 215 21.35 -30.86 -18.66
C ALA B 215 19.91 -30.47 -18.24
N VAL B 216 19.16 -29.84 -19.15
CA VAL B 216 17.71 -29.56 -18.89
C VAL B 216 16.97 -30.80 -18.44
N HIS B 217 17.16 -31.87 -19.23
CA HIS B 217 16.57 -33.17 -18.93
C HIS B 217 17.05 -33.82 -17.63
N ASN B 218 18.36 -33.78 -17.37
CA ASN B 218 18.83 -34.37 -16.14
C ASN B 218 18.46 -33.52 -14.90
N LEU B 219 18.33 -32.23 -15.09
CA LEU B 219 17.87 -31.33 -13.99
C LEU B 219 16.47 -31.80 -13.57
N LEU B 220 15.58 -32.00 -14.53
CA LEU B 220 14.22 -32.52 -14.20
C LEU B 220 14.24 -33.89 -13.52
N ARG B 221 15.11 -34.77 -14.00
CA ARG B 221 15.17 -36.10 -13.47
C ARG B 221 15.70 -36.07 -12.02
N ALA B 222 16.72 -35.24 -11.77
CA ALA B 222 17.31 -35.11 -10.42
C ALA B 222 16.31 -34.49 -9.43
N HIS B 223 15.69 -33.39 -9.86
CA HIS B 223 14.55 -32.80 -9.14
C HIS B 223 13.55 -33.84 -8.69
N ALA B 224 13.03 -34.62 -9.62
CA ALA B 224 12.00 -35.60 -9.31
C ALA B 224 12.45 -36.67 -8.31
N ARG B 225 13.70 -37.15 -8.45
CA ARG B 225 14.29 -38.09 -7.50
C ARG B 225 14.37 -37.52 -6.09
N ALA B 226 14.75 -36.24 -6.01
CA ALA B 226 14.86 -35.53 -4.74
C ALA B 226 13.50 -35.42 -4.05
N VAL B 227 12.47 -35.09 -4.83
CA VAL B 227 11.09 -35.00 -4.30
C VAL B 227 10.65 -36.37 -3.77
N LYS B 228 10.84 -37.42 -4.57
CA LYS B 228 10.56 -38.80 -4.16
C LYS B 228 11.24 -39.16 -2.84
N VAL B 229 12.51 -38.80 -2.69
CA VAL B 229 13.27 -38.97 -1.44
C VAL B 229 12.67 -38.11 -0.31
N PHE B 230 12.25 -36.90 -0.64
CA PHE B 230 11.68 -36.00 0.35
C PHE B 230 10.46 -36.65 1.03
N ARG B 231 9.57 -37.27 0.24
CA ARG B 231 8.36 -37.90 0.78
C ARG B 231 8.69 -39.01 1.77
N GLU B 232 9.85 -39.64 1.58
CA GLU B 232 10.33 -40.74 2.41
C GLU B 232 10.97 -40.28 3.71
N THR B 233 11.48 -39.06 3.75
CA THR B 233 12.34 -38.64 4.86
C THR B 233 11.81 -37.44 5.65
N VAL B 234 10.87 -36.68 5.09
CA VAL B 234 10.39 -35.51 5.83
C VAL B 234 8.86 -35.43 6.02
N LYS B 235 8.44 -35.51 7.29
CA LYS B 235 7.05 -35.28 7.71
C LYS B 235 6.76 -33.79 7.86
N ASP B 236 5.54 -33.38 7.51
CA ASP B 236 5.09 -32.01 7.72
C ASP B 236 5.92 -30.99 6.95
N GLY B 237 6.41 -31.38 5.79
CA GLY B 237 7.22 -30.46 5.00
C GLY B 237 6.60 -30.26 3.64
N LYS B 238 6.96 -29.16 2.98
CA LYS B 238 6.61 -28.94 1.60
C LYS B 238 7.88 -28.76 0.74
N ILE B 239 7.78 -29.12 -0.54
CA ILE B 239 8.90 -29.04 -1.49
C ILE B 239 8.44 -28.53 -2.86
N GLY B 240 9.26 -27.67 -3.45
CA GLY B 240 8.97 -27.11 -4.75
C GLY B 240 10.26 -26.89 -5.53
N ILE B 241 10.17 -25.99 -6.49
CA ILE B 241 11.26 -25.79 -7.43
C ILE B 241 11.12 -24.38 -7.92
N VAL B 242 12.24 -23.74 -8.24
CA VAL B 242 12.27 -22.33 -8.64
C VAL B 242 12.69 -22.04 -10.08
N PHE B 243 11.87 -21.27 -10.82
CA PHE B 243 12.19 -20.88 -12.18
C PHE B 243 12.40 -19.40 -12.33
N ASN B 244 13.38 -19.05 -13.16
CA ASN B 244 13.50 -17.71 -13.66
C ASN B 244 12.42 -17.46 -14.69
N ASN B 245 12.03 -16.19 -14.80
CA ASN B 245 10.97 -15.79 -15.68
C ASN B 245 11.16 -14.34 -16.09
N GLY B 246 10.92 -14.03 -17.36
CA GLY B 246 10.83 -12.64 -17.81
C GLY B 246 9.45 -12.41 -18.41
N TYR B 247 9.01 -11.16 -18.43
CA TYR B 247 7.78 -10.82 -19.15
C TYR B 247 8.10 -10.41 -20.57
N PHE B 248 7.81 -11.27 -21.54
CA PHE B 248 8.10 -11.05 -22.96
C PHE B 248 6.91 -10.45 -23.70
N GLU B 249 7.13 -9.32 -24.38
CA GLU B 249 6.10 -8.69 -25.20
CA GLU B 249 6.11 -8.68 -25.21
C GLU B 249 6.55 -8.64 -26.66
N PRO B 250 5.59 -8.66 -27.62
CA PRO B 250 6.03 -8.61 -29.00
C PRO B 250 6.36 -7.19 -29.44
N ALA B 251 7.24 -7.09 -30.44
CA ALA B 251 7.70 -5.81 -30.96
C ALA B 251 6.62 -5.18 -31.80
N SER B 252 5.82 -6.04 -32.46
CA SER B 252 4.77 -5.61 -33.36
C SER B 252 3.63 -6.62 -33.35
N GLU B 253 2.55 -6.28 -34.06
CA GLU B 253 1.38 -7.14 -34.14
C GLU B 253 1.51 -8.22 -35.22
N LYS B 254 2.64 -8.25 -35.91
CA LYS B 254 2.91 -9.30 -36.89
C LYS B 254 2.79 -10.66 -36.20
N GLU B 255 2.18 -11.63 -36.88
CA GLU B 255 1.96 -12.97 -36.33
C GLU B 255 3.27 -13.68 -35.94
N GLU B 256 4.31 -13.51 -36.77
CA GLU B 256 5.63 -14.11 -36.49
C GLU B 256 6.25 -13.60 -35.19
N ASP B 257 5.93 -12.37 -34.81
CA ASP B 257 6.41 -11.75 -33.58
C ASP B 257 5.68 -12.24 -32.35
N ILE B 258 4.38 -12.46 -32.50
CA ILE B 258 3.53 -12.96 -31.42
C ILE B 258 3.95 -14.41 -31.09
N ARG B 259 4.24 -15.18 -32.14
CA ARG B 259 4.70 -16.56 -31.97
CA ARG B 259 4.72 -16.57 -32.01
C ARG B 259 6.10 -16.60 -31.33
N ALA B 260 6.88 -15.54 -31.57
CA ALA B 260 8.22 -15.41 -31.01
C ALA B 260 8.16 -15.22 -29.51
N VAL B 261 7.20 -14.42 -29.05
CA VAL B 261 6.94 -14.31 -27.63
C VAL B 261 6.56 -15.68 -27.07
N ARG B 262 5.69 -16.38 -27.78
CA ARG B 262 5.19 -17.66 -27.31
C ARG B 262 6.38 -18.62 -27.12
N PHE B 263 7.27 -18.65 -28.11
CA PHE B 263 8.50 -19.47 -28.00
C PHE B 263 9.36 -19.07 -26.80
N MET B 264 9.53 -17.76 -26.57
CA MET B 264 10.37 -17.28 -25.45
C MET B 264 9.78 -17.63 -24.09
N HIS B 265 8.45 -17.49 -23.98
CA HIS B 265 7.77 -17.87 -22.78
C HIS B 265 7.96 -19.38 -22.53
N GLN B 266 7.75 -20.19 -23.57
CA GLN B 266 7.82 -21.65 -23.43
C GLN B 266 9.25 -22.17 -23.12
N PHE B 267 10.27 -21.48 -23.67
CA PHE B 267 11.66 -21.91 -23.47
C PHE B 267 12.32 -21.29 -22.22
N ASN B 268 12.20 -19.99 -22.08
CA ASN B 268 12.89 -19.24 -21.06
C ASN B 268 12.15 -19.24 -19.73
N ASN B 269 10.83 -19.45 -19.77
CA ASN B 269 10.03 -19.37 -18.54
C ASN B 269 9.69 -20.75 -17.97
N TYR B 270 8.91 -20.76 -16.87
CA TYR B 270 8.50 -22.00 -16.19
C TYR B 270 7.96 -23.15 -17.12
N PRO B 271 7.35 -22.86 -18.30
CA PRO B 271 6.82 -24.05 -19.04
C PRO B 271 7.86 -25.11 -19.41
N LEU B 272 9.11 -24.71 -19.70
CA LEU B 272 10.15 -25.68 -20.07
C LEU B 272 10.16 -26.84 -19.07
N PHE B 273 9.93 -26.52 -17.81
CA PHE B 273 9.99 -27.47 -16.70
C PHE B 273 8.63 -27.90 -16.21
N LEU B 274 7.68 -26.97 -16.25
CA LEU B 274 6.34 -27.30 -15.72
C LEU B 274 5.50 -28.12 -16.67
N ASN B 275 5.74 -27.96 -17.97
CA ASN B 275 5.05 -28.82 -18.95
C ASN B 275 5.47 -30.30 -18.72
N PRO B 276 6.79 -30.56 -18.52
CA PRO B 276 7.15 -31.91 -18.08
C PRO B 276 6.52 -32.32 -16.75
N ILE B 277 6.65 -31.51 -15.69
CA ILE B 277 6.20 -31.92 -14.35
C ILE B 277 4.67 -32.12 -14.31
N TYR B 278 3.93 -31.22 -14.94
CA TYR B 278 2.46 -31.31 -14.98
C TYR B 278 1.82 -32.04 -16.17
N ARG B 279 2.47 -32.09 -17.32
CA ARG B 279 1.83 -32.68 -18.49
C ARG B 279 2.63 -33.83 -19.10
N GLY B 280 3.86 -34.04 -18.65
CA GLY B 280 4.64 -35.21 -19.10
C GLY B 280 5.28 -35.08 -20.48
N ASP B 281 5.47 -33.85 -20.98
CA ASP B 281 6.34 -33.61 -22.12
C ASP B 281 6.82 -32.16 -22.08
N TYR B 282 7.83 -31.83 -22.88
CA TYR B 282 8.28 -30.45 -23.06
C TYR B 282 7.21 -29.64 -23.83
N PRO B 283 7.21 -28.30 -23.70
CA PRO B 283 6.31 -27.47 -24.53
C PRO B 283 6.49 -27.68 -26.04
N GLU B 284 5.44 -27.51 -26.83
CA GLU B 284 5.57 -27.94 -28.20
C GLU B 284 6.55 -27.12 -29.04
N LEU B 285 6.70 -25.84 -28.76
CA LEU B 285 7.61 -25.02 -29.57
C LEU B 285 9.07 -25.26 -29.15
N VAL B 286 9.26 -25.68 -27.90
CA VAL B 286 10.57 -26.17 -27.40
C VAL B 286 10.97 -27.43 -28.20
N LEU B 287 10.03 -28.36 -28.34
CA LEU B 287 10.26 -29.57 -29.11
C LEU B 287 10.51 -29.27 -30.59
N GLU B 288 9.76 -28.32 -31.17
CA GLU B 288 10.00 -27.93 -32.57
CA GLU B 288 9.97 -27.89 -32.56
C GLU B 288 11.42 -27.45 -32.78
N PHE B 289 11.95 -26.69 -31.82
CA PHE B 289 13.31 -26.13 -31.90
C PHE B 289 14.36 -27.19 -31.51
N ALA B 290 14.07 -27.97 -30.47
CA ALA B 290 15.14 -28.66 -29.76
C ALA B 290 15.01 -30.18 -29.61
N ARG B 291 14.02 -30.80 -30.28
CA ARG B 291 13.88 -32.26 -30.18
C ARG B 291 15.21 -32.95 -30.59
N GLU B 292 15.88 -32.45 -31.62
CA GLU B 292 17.11 -33.10 -32.04
CA GLU B 292 17.14 -33.04 -32.09
C GLU B 292 18.23 -33.07 -31.00
N TYR B 293 18.14 -32.17 -30.01
CA TYR B 293 19.16 -32.02 -28.95
C TYR B 293 18.85 -32.77 -27.66
N LEU B 294 17.60 -33.21 -27.53
CA LEU B 294 17.20 -33.93 -26.32
C LEU B 294 17.63 -35.37 -26.44
N PRO B 295 17.82 -36.06 -25.29
CA PRO B 295 18.16 -37.46 -25.37
C PRO B 295 17.20 -38.26 -26.23
N GLU B 296 17.76 -39.26 -26.87
CA GLU B 296 16.96 -40.25 -27.49
C GLU B 296 16.22 -40.94 -26.34
N ASN B 297 14.92 -41.16 -26.55
CA ASN B 297 14.04 -41.78 -25.55
C ASN B 297 13.82 -40.95 -24.29
N TYR B 298 14.01 -39.63 -24.38
CA TYR B 298 13.80 -38.77 -23.20
C TYR B 298 12.41 -38.97 -22.58
N LYS B 299 11.43 -39.26 -23.41
CA LYS B 299 10.05 -39.25 -22.91
C LYS B 299 9.83 -40.45 -21.99
N ASP B 300 10.72 -41.44 -22.07
CA ASP B 300 10.68 -42.57 -21.15
C ASP B 300 10.82 -42.14 -19.70
N ASP B 301 11.45 -40.97 -19.46
CA ASP B 301 11.67 -40.48 -18.10
C ASP B 301 10.54 -39.59 -17.62
N MET B 302 9.57 -39.30 -18.47
CA MET B 302 8.56 -38.29 -18.13
C MET B 302 7.61 -38.70 -17.02
N SER B 303 7.23 -39.98 -16.98
CA SER B 303 6.34 -40.45 -15.92
CA SER B 303 6.37 -40.50 -15.91
C SER B 303 7.01 -40.24 -14.55
N GLU B 304 8.32 -40.45 -14.47
CA GLU B 304 9.06 -40.20 -13.23
C GLU B 304 9.17 -38.67 -12.92
N ILE B 305 9.41 -37.90 -13.97
CA ILE B 305 9.49 -36.44 -13.83
C ILE B 305 8.20 -35.80 -13.22
N GLN B 306 7.05 -36.45 -13.44
CA GLN B 306 5.75 -35.94 -12.95
C GLN B 306 5.48 -36.15 -11.45
N GLU B 307 6.49 -36.63 -10.71
CA GLU B 307 6.46 -36.64 -9.25
C GLU B 307 5.80 -35.36 -8.70
N LYS B 308 4.73 -35.52 -7.91
CA LYS B 308 3.95 -34.37 -7.40
C LYS B 308 4.78 -33.43 -6.54
N ILE B 309 4.67 -32.12 -6.83
CA ILE B 309 5.35 -31.08 -6.06
C ILE B 309 4.34 -30.27 -5.23
N ASP B 310 4.82 -29.52 -4.25
CA ASP B 310 3.90 -28.80 -3.37
C ASP B 310 3.69 -27.35 -3.76
N PHE B 311 4.73 -26.74 -4.34
CA PHE B 311 4.70 -25.34 -4.73
C PHE B 311 5.62 -25.05 -5.89
N VAL B 312 5.29 -23.99 -6.61
CA VAL B 312 6.13 -23.43 -7.65
C VAL B 312 6.71 -22.12 -7.12
N GLY B 313 8.03 -22.01 -7.11
CA GLY B 313 8.70 -20.72 -6.87
C GLY B 313 8.96 -20.02 -8.17
N LEU B 314 8.54 -18.75 -8.26
CA LEU B 314 8.87 -17.94 -9.45
C LEU B 314 9.79 -16.77 -9.09
N ASN B 315 10.90 -16.67 -9.81
CA ASN B 315 11.79 -15.54 -9.68
C ASN B 315 11.39 -14.59 -10.79
N TYR B 316 11.45 -13.29 -10.50
CA TYR B 316 11.11 -12.30 -11.52
C TYR B 316 11.87 -10.97 -11.33
N TYR B 317 12.40 -10.48 -12.44
CA TYR B 317 13.20 -9.26 -12.46
C TYR B 317 12.81 -8.26 -13.51
N SER B 318 12.65 -8.71 -14.74
CA SER B 318 12.66 -7.80 -15.86
C SER B 318 11.72 -8.19 -16.97
N GLY B 319 11.53 -7.24 -17.90
CA GLY B 319 10.68 -7.44 -19.07
C GLY B 319 11.51 -7.24 -20.31
N HIS B 320 11.09 -7.88 -21.40
CA HIS B 320 11.83 -7.89 -22.66
C HIS B 320 10.87 -7.77 -23.81
N LEU B 321 11.24 -6.95 -24.79
CA LEU B 321 10.50 -6.85 -26.04
C LEU B 321 11.25 -7.68 -27.05
N VAL B 322 10.55 -8.56 -27.75
CA VAL B 322 11.21 -9.47 -28.69
C VAL B 322 10.55 -9.47 -30.05
N LYS B 323 11.25 -10.00 -31.05
CA LYS B 323 10.75 -10.04 -32.41
C LYS B 323 11.23 -11.30 -33.12
N PHE B 324 10.49 -11.72 -34.14
CA PHE B 324 10.93 -12.76 -35.05
C PHE B 324 12.12 -12.25 -35.85
N ASP B 325 12.98 -13.19 -36.26
CA ASP B 325 14.26 -12.88 -36.90
C ASP B 325 14.83 -14.18 -37.42
N PRO B 326 14.62 -14.46 -38.72
CA PRO B 326 14.99 -15.72 -39.36
C PRO B 326 16.51 -15.99 -39.38
N ASP B 327 17.31 -14.98 -39.07
CA ASP B 327 18.75 -15.14 -39.04
C ASP B 327 19.26 -15.52 -37.66
N ALA B 328 18.37 -15.47 -36.67
CA ALA B 328 18.74 -15.82 -35.31
C ALA B 328 18.43 -17.29 -35.03
N PRO B 329 19.08 -17.87 -34.02
CA PRO B 329 18.46 -19.00 -33.32
C PRO B 329 17.77 -18.47 -32.05
N ALA B 330 16.62 -19.02 -31.67
CA ALA B 330 15.86 -19.94 -32.49
C ALA B 330 14.84 -19.11 -33.29
N LYS B 331 15.37 -18.27 -34.19
CA LYS B 331 14.59 -17.34 -35.02
C LYS B 331 13.89 -16.24 -34.20
N VAL B 332 14.48 -15.92 -33.05
CA VAL B 332 13.97 -14.88 -32.16
C VAL B 332 15.10 -13.94 -31.79
N SER B 333 14.80 -12.64 -31.77
CA SER B 333 15.77 -11.63 -31.38
C SER B 333 15.16 -10.60 -30.44
N PHE B 334 15.94 -10.14 -29.49
CA PHE B 334 15.51 -9.07 -28.58
C PHE B 334 15.57 -7.72 -29.31
N VAL B 335 14.82 -6.74 -28.81
CA VAL B 335 15.01 -5.35 -29.24
C VAL B 335 14.94 -4.44 -28.00
N GLU B 336 15.75 -3.39 -27.99
CA GLU B 336 15.84 -2.52 -26.83
C GLU B 336 14.73 -1.48 -26.78
N ARG B 337 14.32 -1.14 -25.57
CA ARG B 337 13.23 -0.19 -25.34
C ARG B 337 13.69 0.93 -24.42
N ASP B 338 13.09 2.10 -24.59
CA ASP B 338 13.42 3.26 -23.80
C ASP B 338 12.71 3.17 -22.46
N LEU B 339 13.24 2.38 -21.54
CA LEU B 339 12.56 2.16 -20.26
C LEU B 339 13.50 2.31 -19.08
N PRO B 340 12.94 2.63 -17.88
CA PRO B 340 13.75 2.67 -16.64
C PRO B 340 14.46 1.32 -16.36
N LYS B 341 15.78 1.37 -16.16
CA LYS B 341 16.63 0.18 -16.05
C LYS B 341 17.47 0.16 -14.78
N THR B 342 17.78 -1.06 -14.32
CA THR B 342 18.67 -1.23 -13.19
C THR B 342 20.11 -1.19 -13.69
N ALA B 343 21.07 -1.23 -12.77
CA ALA B 343 22.50 -1.32 -13.09
C ALA B 343 22.83 -2.57 -13.94
N MET B 344 21.96 -3.58 -13.93
CA MET B 344 22.10 -4.76 -14.81
C MET B 344 21.68 -4.49 -16.25
N GLY B 345 21.01 -3.37 -16.49
CA GLY B 345 20.45 -3.09 -17.82
C GLY B 345 19.06 -3.71 -18.00
N TRP B 346 18.51 -4.23 -16.91
CA TRP B 346 17.20 -4.87 -16.96
C TRP B 346 16.06 -3.88 -16.72
N GLU B 347 15.06 -3.97 -17.59
CA GLU B 347 13.97 -3.03 -17.60
C GLU B 347 12.95 -3.31 -16.53
N ILE B 348 12.53 -2.23 -15.88
CA ILE B 348 11.55 -2.30 -14.83
C ILE B 348 10.17 -2.25 -15.49
N VAL B 349 9.56 -3.42 -15.59
CA VAL B 349 8.20 -3.60 -16.12
C VAL B 349 7.43 -4.39 -15.06
N PRO B 350 7.02 -3.72 -13.97
CA PRO B 350 6.50 -4.42 -12.76
C PRO B 350 5.25 -5.25 -12.98
N GLU B 351 4.55 -4.98 -14.08
CA GLU B 351 3.32 -5.72 -14.40
C GLU B 351 3.62 -7.12 -14.98
N GLY B 352 4.89 -7.37 -15.30
CA GLY B 352 5.34 -8.72 -15.67
C GLY B 352 5.17 -9.73 -14.54
N ILE B 353 5.34 -9.26 -13.30
CA ILE B 353 5.15 -10.10 -12.14
C ILE B 353 3.69 -10.48 -11.95
N TYR B 354 2.79 -9.65 -12.48
CA TYR B 354 1.35 -9.95 -12.45
C TYR B 354 1.06 -10.99 -13.53
N TRP B 355 1.51 -10.68 -14.74
CA TRP B 355 1.31 -11.50 -15.91
C TRP B 355 1.78 -12.95 -15.69
N ILE B 356 2.99 -13.11 -15.12
CA ILE B 356 3.60 -14.42 -14.94
C ILE B 356 2.85 -15.25 -13.89
N LEU B 357 2.37 -14.55 -12.85
CA LEU B 357 1.60 -15.17 -11.79
C LEU B 357 0.23 -15.59 -12.28
N LYS B 358 -0.34 -14.76 -13.15
CA LYS B 358 -1.61 -15.02 -13.81
C LYS B 358 -1.42 -16.20 -14.78
N LYS B 359 -0.41 -16.08 -15.65
CA LYS B 359 -0.10 -17.15 -16.61
C LYS B 359 0.15 -18.52 -15.98
N VAL B 360 0.82 -18.58 -14.82
CA VAL B 360 1.13 -19.90 -14.23
C VAL B 360 -0.13 -20.56 -13.64
N LYS B 361 -1.03 -19.74 -13.10
CA LYS B 361 -2.31 -20.20 -12.61
C LYS B 361 -3.10 -20.72 -13.80
N GLU B 362 -3.12 -19.97 -14.89
CA GLU B 362 -3.83 -20.37 -16.09
C GLU B 362 -3.32 -21.65 -16.73
N GLU B 363 -2.00 -21.72 -16.90
CA GLU B 363 -1.39 -22.83 -17.65
C GLU B 363 -1.26 -24.11 -16.85
N TYR B 364 -0.85 -24.01 -15.59
CA TYR B 364 -0.60 -25.21 -14.77
C TYR B 364 -1.37 -25.35 -13.46
N ASN B 365 -1.96 -24.25 -13.00
CA ASN B 365 -2.69 -24.22 -11.72
CA ASN B 365 -2.71 -24.25 -11.75
C ASN B 365 -2.00 -24.93 -10.56
N PRO B 366 -0.74 -24.51 -10.24
CA PRO B 366 -0.07 -25.06 -9.04
C PRO B 366 -0.87 -24.74 -7.74
N PRO B 367 -0.79 -25.60 -6.71
CA PRO B 367 -1.63 -25.36 -5.52
C PRO B 367 -1.12 -24.19 -4.68
N GLU B 368 0.20 -24.07 -4.56
CA GLU B 368 0.81 -22.89 -3.96
C GLU B 368 1.83 -22.31 -4.94
N VAL B 369 1.98 -20.99 -4.88
CA VAL B 369 3.03 -20.27 -5.58
C VAL B 369 3.76 -19.43 -4.53
N TYR B 370 5.04 -19.13 -4.79
CA TYR B 370 5.78 -18.11 -4.04
C TYR B 370 6.62 -17.29 -5.02
N ILE B 371 6.79 -16.01 -4.74
CA ILE B 371 7.82 -15.24 -5.42
C ILE B 371 9.08 -15.47 -4.60
N THR B 372 10.04 -16.20 -5.16
CA THR B 372 11.20 -16.65 -4.38
C THR B 372 12.40 -15.73 -4.50
N GLU B 373 12.34 -14.85 -5.49
CA GLU B 373 13.32 -13.78 -5.68
C GLU B 373 12.68 -12.67 -6.46
N ASN B 374 12.90 -11.42 -6.03
CA ASN B 374 12.51 -10.24 -6.79
C ASN B 374 13.37 -9.06 -6.32
N GLY B 375 13.84 -8.23 -7.24
CA GLY B 375 14.77 -7.19 -6.80
C GLY B 375 15.43 -6.39 -7.88
N ALA B 376 16.34 -5.50 -7.46
CA ALA B 376 17.08 -4.68 -8.40
C ALA B 376 18.47 -4.31 -7.91
N ALA B 377 19.36 -4.08 -8.87
CA ALA B 377 20.68 -3.55 -8.59
C ALA B 377 20.81 -2.11 -9.10
N PHE B 378 21.37 -1.25 -8.25
CA PHE B 378 21.59 0.14 -8.62
C PHE B 378 22.96 0.56 -8.10
N ASP B 379 23.45 1.68 -8.61
CA ASP B 379 24.70 2.32 -8.17
C ASP B 379 24.58 2.93 -6.75
N ASP B 380 24.37 2.08 -5.75
CA ASP B 380 24.26 2.48 -4.34
C ASP B 380 25.45 3.32 -3.87
N VAL B 381 25.22 4.13 -2.84
CA VAL B 381 26.21 5.10 -2.33
C VAL B 381 25.97 5.39 -0.86
N VAL B 382 26.99 5.18 -0.03
CA VAL B 382 26.92 5.56 1.39
C VAL B 382 27.16 7.07 1.53
N SER B 383 26.08 7.83 1.73
CA SER B 383 26.16 9.29 1.86
CA SER B 383 26.13 9.28 1.88
C SER B 383 26.76 9.70 3.21
N GLU B 384 27.12 10.98 3.31
CA GLU B 384 27.70 11.55 4.54
C GLU B 384 26.96 11.06 5.77
N ASP B 385 25.65 10.83 5.60
CA ASP B 385 24.75 10.24 6.61
C ASP B 385 25.27 8.96 7.28
N GLY B 386 26.10 8.20 6.58
CA GLY B 386 26.43 6.83 6.97
C GLY B 386 25.31 5.90 6.56
N ARG B 387 24.37 6.48 5.80
CA ARG B 387 23.21 5.80 5.28
C ARG B 387 23.30 5.72 3.76
N VAL B 388 22.50 4.85 3.18
CA VAL B 388 22.35 4.70 1.74
C VAL B 388 20.91 5.06 1.40
N HIS B 389 20.73 6.02 0.50
CA HIS B 389 19.38 6.47 0.14
C HIS B 389 18.95 5.86 -1.18
N ASP B 390 18.53 4.59 -1.11
CA ASP B 390 18.10 3.85 -2.29
C ASP B 390 16.60 3.94 -2.51
N GLN B 391 16.14 5.14 -2.89
CA GLN B 391 14.75 5.36 -3.26
C GLN B 391 14.41 4.55 -4.48
N ASN B 392 15.37 4.42 -5.40
CA ASN B 392 15.18 3.63 -6.62
C ASN B 392 14.77 2.18 -6.35
N ARG B 393 15.43 1.56 -5.38
CA ARG B 393 15.10 0.21 -4.95
C ARG B 393 13.74 0.15 -4.29
N ILE B 394 13.50 1.04 -3.32
CA ILE B 394 12.17 1.19 -2.69
C ILE B 394 11.11 1.25 -3.78
N ASP B 395 11.33 2.11 -4.77
CA ASP B 395 10.37 2.29 -5.86
C ASP B 395 10.11 0.97 -6.58
N TYR B 396 11.17 0.43 -7.21
CA TYR B 396 11.14 -0.87 -7.90
C TYR B 396 10.30 -1.91 -7.14
N LEU B 397 10.71 -2.19 -5.92
CA LEU B 397 10.03 -3.15 -5.09
C LEU B 397 8.53 -2.82 -5.04
N LYS B 398 8.20 -1.70 -4.38
CA LYS B 398 6.82 -1.24 -4.21
C LYS B 398 5.90 -1.58 -5.38
N ALA B 399 6.32 -1.20 -6.59
CA ALA B 399 5.53 -1.52 -7.79
C ALA B 399 5.31 -3.03 -8.00
N HIS B 400 6.32 -3.85 -7.75
CA HIS B 400 6.20 -5.31 -7.89
C HIS B 400 5.38 -5.93 -6.76
N ILE B 401 5.63 -5.51 -5.51
CA ILE B 401 4.89 -5.99 -4.33
C ILE B 401 3.38 -5.69 -4.41
N GLY B 402 3.04 -4.54 -4.98
CA GLY B 402 1.64 -4.16 -5.19
C GLY B 402 0.96 -5.00 -6.25
N GLN B 403 1.73 -5.34 -7.30
CA GLN B 403 1.28 -6.20 -8.41
C GLN B 403 1.13 -7.68 -8.01
N ALA B 404 1.94 -8.12 -7.06
CA ALA B 404 1.77 -9.44 -6.46
C ALA B 404 0.49 -9.47 -5.63
N TRP B 405 0.21 -8.36 -4.93
CA TRP B 405 -1.07 -8.18 -4.24
C TRP B 405 -2.23 -8.29 -5.22
N LYS B 406 -2.13 -7.62 -6.37
CA LYS B 406 -3.15 -7.66 -7.41
C LYS B 406 -3.39 -9.06 -7.95
N ALA B 407 -2.31 -9.79 -8.19
CA ALA B 407 -2.40 -11.19 -8.62
C ALA B 407 -3.29 -11.98 -7.66
N ILE B 408 -3.02 -11.84 -6.36
CA ILE B 408 -3.79 -12.54 -5.34
C ILE B 408 -5.31 -12.25 -5.46
N GLN B 409 -5.63 -11.00 -5.81
CA GLN B 409 -7.02 -10.55 -5.96
C GLN B 409 -7.73 -11.26 -7.10
N GLU B 410 -6.99 -11.64 -8.11
CA GLU B 410 -7.58 -12.32 -9.25
C GLU B 410 -7.43 -13.83 -9.09
N GLY B 411 -7.12 -14.23 -7.86
CA GLY B 411 -7.18 -15.62 -7.42
C GLY B 411 -5.94 -16.48 -7.61
N VAL B 412 -4.77 -15.85 -7.63
CA VAL B 412 -3.49 -16.60 -7.69
C VAL B 412 -3.10 -17.00 -6.26
N PRO B 413 -2.87 -18.31 -6.01
CA PRO B 413 -2.55 -18.85 -4.69
C PRO B 413 -1.16 -18.48 -4.16
N LEU B 414 -0.82 -17.19 -4.22
CA LEU B 414 0.51 -16.71 -3.86
C LEU B 414 0.75 -16.63 -2.35
N LYS B 415 1.64 -17.48 -1.85
CA LYS B 415 1.77 -17.73 -0.42
C LYS B 415 2.85 -16.92 0.30
N GLY B 416 3.65 -16.16 -0.45
CA GLY B 416 4.85 -15.51 0.11
C GLY B 416 5.71 -14.75 -0.89
N TYR B 417 6.69 -14.01 -0.38
CA TYR B 417 7.51 -13.10 -1.18
C TYR B 417 8.91 -12.89 -0.55
N PHE B 418 9.95 -13.22 -1.33
CA PHE B 418 11.34 -13.06 -0.89
C PHE B 418 12.02 -12.03 -1.76
N VAL B 419 12.72 -11.10 -1.12
CA VAL B 419 13.48 -10.06 -1.85
C VAL B 419 14.89 -10.58 -2.15
N TRP B 420 15.33 -10.37 -3.38
CA TRP B 420 16.73 -10.59 -3.69
C TRP B 420 17.40 -9.24 -3.76
N SER B 421 18.35 -8.96 -2.86
CA SER B 421 18.85 -9.89 -1.86
C SER B 421 18.97 -9.17 -0.50
N LEU B 422 19.13 -9.93 0.59
CA LEU B 422 19.52 -9.38 1.88
C LEU B 422 20.80 -8.53 1.80
N LEU B 423 21.86 -9.08 1.18
CA LEU B 423 23.14 -8.40 1.07
C LEU B 423 23.54 -8.17 -0.37
N ASP B 424 24.31 -7.10 -0.59
CA ASP B 424 25.13 -7.02 -1.81
C ASP B 424 26.08 -8.22 -1.82
N ASN B 425 26.40 -8.70 -3.02
CA ASN B 425 27.11 -9.96 -3.08
C ASN B 425 27.76 -10.22 -4.42
N PHE B 426 28.28 -11.44 -4.55
CA PHE B 426 28.99 -11.80 -5.78
C PHE B 426 27.93 -12.09 -6.86
N GLU B 427 27.81 -11.19 -7.82
CA GLU B 427 26.82 -11.30 -8.88
C GLU B 427 27.40 -12.08 -10.06
N TRP B 428 27.80 -13.32 -9.79
CA TRP B 428 28.26 -14.24 -10.84
C TRP B 428 29.31 -13.63 -11.81
N ALA B 429 29.09 -13.68 -13.14
CA ALA B 429 30.08 -13.14 -14.11
C ALA B 429 30.26 -11.61 -14.01
N GLU B 430 29.36 -10.94 -13.31
CA GLU B 430 29.48 -9.50 -13.08
C GLU B 430 30.37 -9.21 -11.86
N GLY B 431 30.63 -10.23 -11.05
CA GLY B 431 31.41 -10.08 -9.82
C GLY B 431 30.72 -9.16 -8.82
N TYR B 432 31.52 -8.35 -8.12
CA TYR B 432 30.98 -7.51 -7.03
C TYR B 432 30.47 -6.16 -7.49
N SER B 433 30.47 -5.95 -8.80
CA SER B 433 30.13 -4.68 -9.42
C SER B 433 28.62 -4.42 -9.49
N LYS B 434 27.82 -5.39 -9.06
CA LYS B 434 26.36 -5.26 -9.08
C LYS B 434 25.79 -5.49 -7.70
N ARG B 435 25.06 -4.51 -7.20
CA ARG B 435 24.62 -4.52 -5.82
C ARG B 435 23.11 -4.69 -5.75
N PHE B 436 22.67 -5.86 -5.27
CA PHE B 436 21.25 -6.23 -5.24
C PHE B 436 20.65 -6.08 -3.84
N GLY B 437 21.51 -5.88 -2.84
CA GLY B 437 21.12 -6.00 -1.43
C GLY B 437 20.14 -4.95 -0.92
N ILE B 438 19.45 -5.29 0.18
CA ILE B 438 18.73 -4.29 1.01
C ILE B 438 19.59 -3.96 2.25
N VAL B 439 20.77 -4.59 2.31
CA VAL B 439 21.85 -4.25 3.21
C VAL B 439 23.11 -4.10 2.35
N TYR B 440 23.66 -2.88 2.35
CA TYR B 440 24.89 -2.54 1.63
C TYR B 440 26.09 -3.17 2.33
N VAL B 441 27.06 -3.62 1.54
CA VAL B 441 28.27 -4.25 2.08
C VAL B 441 29.51 -3.50 1.58
N ASP B 442 30.19 -2.84 2.52
CA ASP B 442 31.49 -2.25 2.25
C ASP B 442 32.49 -3.39 2.32
N TYR B 443 33.02 -3.78 1.16
CA TYR B 443 33.86 -4.97 1.07
C TYR B 443 35.26 -4.82 1.68
N SER B 444 35.77 -3.59 1.74
CA SER B 444 37.07 -3.32 2.37
C SER B 444 37.06 -3.62 3.86
N THR B 445 35.93 -3.34 4.52
CA THR B 445 35.79 -3.63 5.95
C THR B 445 34.79 -4.73 6.28
N GLN B 446 33.98 -5.14 5.30
CA GLN B 446 32.85 -6.06 5.53
C GLN B 446 31.77 -5.44 6.41
N LYS B 447 31.56 -4.13 6.23
CA LYS B 447 30.61 -3.36 7.02
C LYS B 447 29.19 -3.49 6.46
N ARG B 448 28.28 -3.96 7.31
CA ARG B 448 26.85 -3.98 6.98
C ARG B 448 26.24 -2.61 7.23
N ILE B 449 25.79 -1.97 6.16
CA ILE B 449 25.08 -0.69 6.21
C ILE B 449 23.67 -0.88 5.67
N VAL B 450 22.72 -1.19 6.57
CA VAL B 450 21.31 -1.36 6.18
C VAL B 450 20.85 -0.20 5.32
N LYS B 451 20.11 -0.50 4.24
CA LYS B 451 19.70 0.52 3.29
C LYS B 451 18.28 1.01 3.61
N ASP B 452 17.87 2.09 2.95
CA ASP B 452 16.55 2.68 3.18
C ASP B 452 15.44 1.70 2.79
N SER B 453 15.58 1.10 1.61
CA SER B 453 14.74 -0.04 1.20
C SER B 453 14.64 -1.09 2.33
N GLY B 454 15.74 -1.30 3.05
CA GLY B 454 15.76 -2.19 4.19
C GLY B 454 14.72 -1.86 5.23
N TYR B 455 14.74 -0.61 5.73
CA TYR B 455 13.77 -0.15 6.73
C TYR B 455 12.36 -0.10 6.16
N TRP B 456 12.26 0.38 4.93
CA TRP B 456 11.00 0.39 4.19
C TRP B 456 10.38 -1.01 4.07
N TYR B 457 11.20 -2.01 3.74
CA TYR B 457 10.74 -3.39 3.60
C TYR B 457 10.29 -3.98 4.94
N SER B 458 10.99 -3.62 6.01
CA SER B 458 10.63 -4.10 7.36
C SER B 458 9.32 -3.47 7.78
N ASN B 459 8.98 -2.35 7.15
CA ASN B 459 7.67 -1.71 7.28
C ASN B 459 6.59 -2.60 6.69
N VAL B 460 6.77 -2.97 5.42
CA VAL B 460 5.88 -3.90 4.71
C VAL B 460 5.63 -5.16 5.53
N VAL B 461 6.71 -5.79 6.01
CA VAL B 461 6.61 -6.98 6.84
C VAL B 461 5.74 -6.74 8.08
N LYS B 462 5.93 -5.56 8.69
CA LYS B 462 5.16 -5.14 9.88
C LYS B 462 3.69 -4.91 9.54
N ASN B 463 3.43 -4.26 8.40
CA ASN B 463 2.06 -3.99 7.97
C ASN B 463 1.33 -5.15 7.29
N ASN B 464 2.06 -6.23 7.00
CA ASN B 464 1.56 -7.34 6.16
C ASN B 464 0.94 -6.82 4.86
N GLY B 465 1.64 -5.85 4.27
CA GLY B 465 1.18 -5.19 3.06
C GLY B 465 1.73 -3.79 2.97
N LEU B 466 1.32 -3.06 1.93
CA LEU B 466 1.76 -1.69 1.71
C LEU B 466 0.90 -0.68 2.50
N GLU B 467 1.58 0.14 3.31
CA GLU B 467 0.98 1.17 4.21
C GLU B 467 0.01 0.63 5.26
S1 NCW C . -13.56 12.19 5.30
C7 NCW C . -12.06 12.69 5.45
N1 NCW C . -11.74 14.00 5.46
C5 NCW C . -10.39 14.52 5.58
C4 NCW C . -10.36 15.00 7.02
O4 NCW C . -9.10 15.67 7.20
C3 NCW C . -11.54 15.95 7.39
O3 NCW C . -11.79 16.00 8.80
C2 NCW C . -12.88 15.54 6.78
O2 NCW C . -13.85 16.59 6.95
C6 NCW C . -10.48 15.71 4.65
O1 NCW C . -11.87 16.07 4.61
C1 NCW C . -12.67 15.10 5.33
N2 NCW C . -11.09 11.77 5.57
C8 NCW C . -11.35 10.40 6.00
C8 NCW C . -11.43 10.39 5.92
C9 NCW C . -10.18 9.50 5.64
C9 NCW C . -10.90 9.36 4.94
C10 NCW C . -8.85 10.16 6.01
C10 NCW C . -11.63 8.03 5.14
C11 NCW C . -7.96 9.26 6.85
C11 NCW C . -13.14 8.25 5.11
C12 NCW C . -8.78 8.83 8.09
C12 NCW C . -13.76 7.75 3.81
C13 NCW C . -9.11 7.43 7.98
C13 NCW C . -15.03 8.49 3.38
C14 NCW C . -8.13 6.82 6.94
C14 NCW C . -15.44 8.09 1.97
C15 NCW C . -8.76 5.60 6.37
C15 NCW C . -16.83 8.59 1.61
CA CA D . -0.83 10.03 24.44
C ACT E . 3.72 16.12 16.13
C ACT E . 3.55 14.97 15.64
O ACT E . 2.56 16.27 15.73
O ACT E . 3.40 14.67 14.45
OXT ACT E . 4.27 16.90 16.91
OXT ACT E . 4.09 14.21 16.45
CH3 ACT E . 4.50 14.93 15.61
CH3 ACT E . 3.12 16.33 16.13
C ACT F . -28.24 22.27 34.47
O ACT F . -27.74 21.77 35.49
OXT ACT F . -28.97 23.29 34.53
CH3 ACT F . -27.99 21.64 33.13
S1 NCW G . 19.75 -15.06 -13.21
C7 NCW G . 20.53 -13.94 -12.38
N1 NCW G . 20.21 -13.67 -11.10
C5 NCW G . 20.89 -12.74 -10.21
C4 NCW G . 21.67 -13.65 -9.25
O4 NCW G . 22.26 -12.86 -8.20
C3 NCW G . 20.83 -14.78 -8.63
O3 NCW G . 21.60 -15.77 -7.98
C2 NCW G . 19.85 -15.41 -9.62
O2 NCW G . 18.97 -16.32 -8.94
C6 NCW G . 19.68 -12.20 -9.48
O1 NCW G . 18.70 -13.25 -9.50
C1 NCW G . 19.12 -14.30 -10.39
N2 NCW G . 21.54 -13.27 -12.94
C8 NCW G . 22.51 -13.86 -13.85
C9 NCW G . 22.48 -13.15 -15.20
C10 NCW G . 23.21 -13.99 -16.27
C11 NCW G . 22.26 -14.53 -17.32
C12 NCW G . 22.58 -13.96 -18.71
C13 NCW G . 21.34 -13.84 -19.58
C13 NCW G . 23.54 -14.81 -19.52
C14 NCW G . 21.33 -14.92 -20.67
C14 NCW G . 23.22 -14.63 -21.01
C15 NCW G . 20.28 -14.60 -21.73
C15 NCW G . 24.52 -14.69 -21.81
CA CA H . 10.07 -44.51 -17.08
C ACT I . 35.35 -8.81 -2.00
O ACT I . 34.80 -9.21 -0.94
OXT ACT I . 36.34 -9.37 -2.52
CH3 ACT I . 34.83 -7.61 -2.72
#